data_4ZYN
#
_entry.id   4ZYN
#
_cell.length_a   114.105
_cell.length_b   114.105
_cell.length_c   186.399
_cell.angle_alpha   90.000
_cell.angle_beta   90.000
_cell.angle_gamma   120.000
#
_symmetry.space_group_name_H-M   'H 3'
#
loop_
_entity.id
_entity.type
_entity.pdbx_description
1 polymer 'E3 ubiquitin-protein ligase parkin'
2 non-polymer 'ZINC ION'
3 non-polymer 'SULFATE ION'
4 water water
#
_entity_poly.entity_id   1
_entity_poly.type   'polypeptide(L)'
_entity_poly.pdbx_seq_one_letter_code
;GPLGSMIVFVRFNSSYGFPVEVDSDTSIFQLKEVVAKRQGVPADQLRVIFAGKELQNHLTVQNCDLEQQSIVHIVQRPQR
KSHETNASGGSEAARGPAAKPTYHSFFVYCKGPCHKVQPGKLRVQCGTCRQATLTLAQGPSCWDDVLIPNRMSGECQSPD
CPGTRAEFFFKCGAHPTSDKDTSVALNLITNNSRSIPCIACTDVRNPVLVFQCNHRHVICLDCFHLYCVTRLNDRQFVHD
AQLGYSLPCVAGCPNSLIKELHHFRILGEEQYNRYQQYGAEECVLQMGGVLCPRPGCGAGLLPEQGQRKVTCEGGNGLGC
GFVFCRDCKEAYHEGECDSMFEASGATSQAYRVDQRAAEQARWEEASKETIKKTTKPCPRCNVPIEKNGGCMHMKCPQPQ
CKLEWCWNCGCEWNRACMGDHWFDV
;
_entity_poly.pdbx_strand_id   A,B
#
loop_
_chem_comp.id
_chem_comp.type
_chem_comp.name
_chem_comp.formula
SO4 non-polymer 'SULFATE ION' 'O4 S -2'
ZN non-polymer 'ZINC ION' 'Zn 2'
#
# COMPACT_ATOMS: atom_id res chain seq x y z
N MET A 6 48.05 3.74 -1.98
CA MET A 6 46.72 3.20 -1.53
C MET A 6 46.16 2.17 -2.51
N ILE A 7 45.48 1.16 -1.96
CA ILE A 7 44.76 0.16 -2.74
C ILE A 7 43.26 0.38 -2.58
N VAL A 8 42.57 0.57 -3.72
CA VAL A 8 41.10 0.63 -3.76
C VAL A 8 40.61 -0.44 -4.73
N PHE A 9 39.60 -1.20 -4.31
CA PHE A 9 39.03 -2.27 -5.13
C PHE A 9 37.96 -1.68 -6.06
N VAL A 10 38.17 -1.82 -7.38
CA VAL A 10 37.29 -1.24 -8.40
C VAL A 10 36.40 -2.32 -9.04
N ARG A 11 35.10 -2.24 -8.79
CA ARG A 11 34.12 -3.16 -9.34
C ARG A 11 33.40 -2.53 -10.53
N PHE A 12 33.59 -3.11 -11.73
CA PHE A 12 33.07 -2.55 -13.00
C PHE A 12 32.26 -3.59 -13.76
N ASN A 13 30.93 -3.49 -13.70
CA ASN A 13 30.01 -4.48 -14.31
C ASN A 13 30.32 -5.92 -13.87
N SER A 14 30.70 -6.10 -12.60
CA SER A 14 31.12 -7.39 -12.07
C SER A 14 31.10 -7.44 -10.54
N SER A 15 30.98 -8.65 -10.00
CA SER A 15 30.91 -8.89 -8.56
C SER A 15 32.25 -8.68 -7.85
N TYR A 16 33.33 -8.99 -8.56
CA TYR A 16 34.69 -8.86 -8.01
CA TYR A 16 34.70 -8.87 -8.03
C TYR A 16 35.27 -7.48 -8.32
N GLY A 17 36.16 -7.02 -7.44
CA GLY A 17 36.81 -5.71 -7.58
C GLY A 17 38.31 -5.87 -7.75
N PHE A 18 38.85 -5.35 -8.86
CA PHE A 18 40.30 -5.36 -9.10
C PHE A 18 40.97 -4.21 -8.34
N PRO A 19 42.22 -4.41 -7.88
CA PRO A 19 42.87 -3.35 -7.10
C PRO A 19 43.53 -2.29 -7.99
N VAL A 20 43.46 -1.03 -7.58
CA VAL A 20 44.12 0.08 -8.28
C VAL A 20 45.01 0.84 -7.31
N GLU A 21 46.19 1.24 -7.79
CA GLU A 21 47.17 2.02 -7.03
C GLU A 21 46.93 3.52 -7.27
N VAL A 22 46.59 4.26 -6.21
CA VAL A 22 46.35 5.71 -6.28
C VAL A 22 47.06 6.45 -5.14
N ASP A 23 47.71 7.57 -5.46
CA ASP A 23 48.39 8.40 -4.46
C ASP A 23 47.38 9.25 -3.65
N SER A 24 47.89 9.99 -2.67
CA SER A 24 47.06 10.80 -1.76
C SER A 24 46.30 11.93 -2.46
N ASP A 25 46.98 12.60 -3.39
CA ASP A 25 46.34 13.66 -4.18
C ASP A 25 45.61 13.19 -5.44
N THR A 26 45.68 11.88 -5.76
CA THR A 26 45.12 11.35 -7.00
C THR A 26 43.67 11.80 -7.23
N SER A 27 43.42 12.29 -8.45
CA SER A 27 42.15 12.86 -8.81
C SER A 27 41.20 11.76 -9.26
N ILE A 28 39.91 11.96 -9.05
CA ILE A 28 38.87 11.05 -9.56
C ILE A 28 38.95 10.90 -11.10
N PHE A 29 39.39 11.95 -11.82
CA PHE A 29 39.56 11.88 -13.28
C PHE A 29 40.66 10.93 -13.69
N GLN A 30 41.76 10.94 -12.94
CA GLN A 30 42.92 10.06 -13.20
C GLN A 30 42.59 8.59 -12.93
N LEU A 31 41.74 8.34 -11.93
CA LEU A 31 41.21 7.00 -11.65
C LEU A 31 40.37 6.54 -12.84
N LYS A 32 39.47 7.42 -13.29
CA LYS A 32 38.65 7.18 -14.48
C LYS A 32 39.45 7.16 -15.79
N GLU A 33 40.68 7.68 -15.79
CA GLU A 33 41.63 7.49 -16.89
C GLU A 33 42.30 6.11 -16.85
N VAL A 34 42.73 5.68 -15.66
CA VAL A 34 43.34 4.35 -15.47
C VAL A 34 42.36 3.20 -15.69
N VAL A 35 41.11 3.36 -15.26
CA VAL A 35 40.09 2.34 -15.48
C VAL A 35 39.73 2.27 -16.98
N ALA A 36 39.78 3.41 -17.66
CA ALA A 36 39.58 3.46 -19.11
C ALA A 36 40.65 2.71 -19.93
N LYS A 37 41.87 2.57 -19.43
CA LYS A 37 42.94 1.83 -20.12
C LYS A 37 42.68 0.32 -20.05
N ARG A 38 42.49 -0.18 -18.83
CA ARG A 38 42.17 -1.59 -18.57
C ARG A 38 40.91 -2.05 -19.32
N GLN A 39 39.91 -1.16 -19.40
CA GLN A 39 38.61 -1.48 -19.99
C GLN A 39 38.36 -0.90 -21.40
N GLY A 40 39.21 0.01 -21.86
CA GLY A 40 39.08 0.61 -23.20
C GLY A 40 37.75 1.30 -23.47
N VAL A 41 37.41 2.30 -22.66
CA VAL A 41 36.12 3.02 -22.77
C VAL A 41 36.33 4.52 -22.50
N PRO A 42 35.57 5.40 -23.18
CA PRO A 42 35.74 6.85 -22.92
C PRO A 42 35.54 7.27 -21.45
N ALA A 43 36.54 7.97 -20.89
CA ALA A 43 36.51 8.44 -19.50
C ALA A 43 35.31 9.34 -19.22
N ASP A 44 34.90 10.12 -20.22
CA ASP A 44 33.74 11.01 -20.08
C ASP A 44 32.38 10.30 -19.87
N GLN A 45 32.33 8.97 -20.04
CA GLN A 45 31.14 8.18 -19.74
C GLN A 45 31.23 7.38 -18.42
N LEU A 46 32.43 7.24 -17.84
CA LEU A 46 32.62 6.45 -16.61
C LEU A 46 32.19 7.26 -15.39
N ARG A 47 31.61 6.60 -14.40
CA ARG A 47 31.11 7.27 -13.20
C ARG A 47 31.52 6.51 -11.95
N VAL A 48 32.31 7.15 -11.09
CA VAL A 48 32.82 6.51 -9.89
C VAL A 48 31.85 6.79 -8.77
N ILE A 49 31.45 5.72 -8.07
CA ILE A 49 30.49 5.79 -6.97
C ILE A 49 31.11 5.04 -5.79
N PHE A 50 31.07 5.67 -4.62
CA PHE A 50 31.64 5.12 -3.39
C PHE A 50 30.63 5.32 -2.28
N ALA A 51 30.18 4.22 -1.67
CA ALA A 51 29.17 4.24 -0.59
C ALA A 51 27.80 4.78 -1.02
N GLY A 52 27.50 4.71 -2.32
CA GLY A 52 26.29 5.32 -2.88
C GLY A 52 26.43 6.73 -3.45
N LYS A 53 27.48 7.46 -3.06
CA LYS A 53 27.69 8.84 -3.54
C LYS A 53 28.59 8.81 -4.75
N GLU A 54 28.21 9.54 -5.79
CA GLU A 54 29.07 9.72 -6.95
C GLU A 54 30.20 10.68 -6.57
N LEU A 55 31.37 10.44 -7.15
CA LEU A 55 32.55 11.27 -6.93
C LEU A 55 32.87 12.02 -8.22
N GLN A 56 32.93 13.35 -8.12
CA GLN A 56 33.22 14.23 -9.24
C GLN A 56 34.73 14.30 -9.47
N ASN A 57 35.09 14.69 -10.68
CA ASN A 57 36.44 14.49 -11.22
C ASN A 57 37.51 15.32 -10.52
N HIS A 58 37.19 16.59 -10.31
CA HIS A 58 38.00 17.51 -9.52
C HIS A 58 38.38 17.02 -8.11
N LEU A 59 37.55 16.19 -7.47
CA LEU A 59 37.86 15.69 -6.12
C LEU A 59 39.14 14.86 -6.07
N THR A 60 39.66 14.74 -4.85
CA THR A 60 40.89 14.04 -4.55
C THR A 60 40.62 13.00 -3.48
N VAL A 61 41.54 12.05 -3.33
CA VAL A 61 41.39 10.92 -2.41
C VAL A 61 41.19 11.36 -0.95
N GLN A 62 41.92 12.40 -0.54
CA GLN A 62 41.84 12.93 0.83
C GLN A 62 40.44 13.50 1.12
N ASN A 63 39.89 14.28 0.16
CA ASN A 63 38.53 14.86 0.29
C ASN A 63 37.45 13.79 0.47
N CYS A 64 37.57 12.72 -0.32
CA CYS A 64 36.60 11.62 -0.32
C CYS A 64 36.50 10.83 0.98
N ASP A 65 37.58 10.77 1.74
CA ASP A 65 37.70 9.90 2.93
C ASP A 65 37.63 8.43 2.49
N LEU A 66 38.48 8.08 1.53
CA LEU A 66 38.74 6.71 1.14
C LEU A 66 39.89 6.18 1.99
N GLU A 67 39.94 4.87 2.19
CA GLU A 67 41.01 4.21 2.97
C GLU A 67 41.53 2.97 2.23
N GLN A 68 42.42 2.22 2.88
CA GLN A 68 43.00 1.00 2.29
C GLN A 68 41.95 -0.08 2.04
N GLN A 69 42.02 -0.70 0.85
CA GLN A 69 41.08 -1.77 0.43
C GLN A 69 39.61 -1.33 0.35
N SER A 70 39.38 -0.04 0.08
CA SER A 70 38.03 0.52 0.04
C SER A 70 37.42 0.36 -1.35
N ILE A 71 36.12 0.02 -1.38
CA ILE A 71 35.45 -0.43 -2.61
C ILE A 71 34.72 0.71 -3.33
N VAL A 72 35.21 1.06 -4.53
CA VAL A 72 34.56 2.06 -5.38
C VAL A 72 34.07 1.39 -6.68
N HIS A 73 32.81 1.65 -7.05
CA HIS A 73 32.24 1.13 -8.30
C HIS A 73 32.42 2.17 -9.39
N ILE A 74 32.62 1.69 -10.62
CA ILE A 74 32.53 2.52 -11.81
C ILE A 74 31.37 2.01 -12.68
N VAL A 75 30.53 2.93 -13.16
CA VAL A 75 29.43 2.57 -14.08
C VAL A 75 29.48 3.46 -15.32
N GLN A 76 29.38 2.82 -16.49
CA GLN A 76 29.43 3.54 -17.77
C GLN A 76 28.06 4.14 -18.08
N ARG A 77 28.06 5.31 -18.72
CA ARG A 77 26.83 6.00 -19.12
C ARG A 77 26.97 6.63 -20.50
N PRO A 78 26.75 5.84 -21.58
CA PRO A 78 26.95 6.35 -22.94
C PRO A 78 25.83 7.28 -23.40
N LYS A 100 3.18 24.80 -26.87
CA LYS A 100 3.16 24.14 -25.57
C LYS A 100 3.62 22.68 -25.71
N PRO A 101 4.60 22.24 -24.86
CA PRO A 101 5.11 20.88 -24.99
C PRO A 101 4.09 19.80 -24.61
N THR A 102 4.39 18.56 -25.02
CA THR A 102 3.54 17.41 -24.74
C THR A 102 3.80 17.00 -23.28
N TYR A 103 2.77 17.14 -22.45
CA TYR A 103 2.78 16.73 -21.04
C TYR A 103 2.51 15.22 -20.99
N HIS A 104 3.45 14.46 -20.44
CA HIS A 104 3.40 13.00 -20.45
C HIS A 104 3.25 12.44 -19.03
N SER A 105 2.14 11.74 -18.79
CA SER A 105 1.90 11.01 -17.55
C SER A 105 2.56 9.64 -17.53
N PHE A 106 2.52 8.96 -18.68
CA PHE A 106 2.81 7.57 -18.79
C PHE A 106 4.15 7.39 -19.42
N PHE A 107 4.95 6.50 -18.89
CA PHE A 107 6.23 6.15 -19.49
C PHE A 107 6.35 4.62 -19.59
N VAL A 108 6.88 4.15 -20.73
CA VAL A 108 6.91 2.73 -21.08
C VAL A 108 8.31 2.31 -21.44
N TYR A 109 8.61 1.01 -21.42
CA TYR A 109 9.84 0.47 -22.00
C TYR A 109 9.51 -0.09 -23.36
N CYS A 110 9.98 0.57 -24.42
CA CYS A 110 9.78 0.13 -25.79
C CYS A 110 10.88 -0.86 -26.23
N LYS A 111 10.48 -2.14 -26.36
CA LYS A 111 11.35 -3.24 -26.82
C LYS A 111 11.91 -3.06 -28.22
N GLY A 112 11.22 -2.36 -29.12
CA GLY A 112 11.86 -1.92 -30.38
C GLY A 112 11.04 -0.91 -31.17
N PRO A 113 11.67 -0.07 -32.00
CA PRO A 113 13.11 -0.08 -32.24
C PRO A 113 13.94 0.69 -31.18
N CYS A 114 13.27 1.41 -30.27
CA CYS A 114 13.92 2.26 -29.29
C CYS A 114 14.78 1.55 -28.23
N HIS A 115 14.37 0.39 -27.74
CA HIS A 115 15.14 -0.39 -26.72
C HIS A 115 15.56 0.42 -25.49
N LYS A 116 14.69 1.33 -25.07
CA LYS A 116 14.94 2.25 -23.98
C LYS A 116 13.62 2.80 -23.48
N VAL A 117 13.63 3.41 -22.31
CA VAL A 117 12.40 3.95 -21.74
C VAL A 117 11.94 5.15 -22.55
N GLN A 118 10.63 5.25 -22.70
CA GLN A 118 10.03 6.29 -23.56
C GLN A 118 8.69 6.67 -23.00
N PRO A 119 8.21 7.87 -23.33
CA PRO A 119 6.86 8.19 -22.94
C PRO A 119 5.90 7.34 -23.76
N GLY A 120 4.78 6.93 -23.17
CA GLY A 120 3.82 6.06 -23.87
C GLY A 120 2.43 6.66 -23.98
N LYS A 121 1.65 6.13 -24.91
CA LYS A 121 0.27 6.51 -25.10
C LYS A 121 -0.59 5.46 -24.41
N LEU A 122 -1.60 5.91 -23.66
CA LEU A 122 -2.54 5.04 -22.95
C LEU A 122 -3.77 4.79 -23.81
N ARG A 123 -4.02 3.52 -24.13
CA ARG A 123 -5.16 3.10 -24.93
C ARG A 123 -6.02 2.08 -24.17
N VAL A 124 -7.24 1.90 -24.66
CA VAL A 124 -8.21 0.99 -24.07
C VAL A 124 -8.92 0.24 -25.18
N GLN A 125 -9.42 -0.94 -24.85
CA GLN A 125 -10.21 -1.77 -25.75
C GLN A 125 -11.17 -2.66 -24.98
N CYS A 126 -12.17 -3.15 -25.72
CA CYS A 126 -13.10 -4.15 -25.24
C CYS A 126 -12.35 -5.45 -25.03
N GLY A 127 -12.27 -5.90 -23.79
CA GLY A 127 -11.56 -7.13 -23.43
C GLY A 127 -12.18 -8.41 -23.98
N THR A 128 -13.49 -8.39 -24.21
CA THR A 128 -14.22 -9.55 -24.75
C THR A 128 -13.95 -9.80 -26.23
N CYS A 129 -13.82 -8.74 -27.04
CA CYS A 129 -13.54 -8.85 -28.49
C CYS A 129 -12.17 -8.31 -28.94
N ARG A 130 -11.38 -7.74 -28.02
CA ARG A 130 -10.05 -7.20 -28.30
C ARG A 130 -10.00 -6.08 -29.35
N GLN A 131 -11.08 -5.31 -29.47
CA GLN A 131 -11.14 -4.19 -30.43
C GLN A 131 -11.13 -2.86 -29.68
N ALA A 132 -10.30 -1.93 -30.16
CA ALA A 132 -10.15 -0.61 -29.54
C ALA A 132 -11.37 0.28 -29.83
N THR A 133 -12.49 -0.05 -29.19
CA THR A 133 -13.75 0.70 -29.33
C THR A 133 -14.52 0.84 -28.01
N LEU A 134 -13.84 0.71 -26.86
CA LEU A 134 -14.54 0.67 -25.56
C LEU A 134 -14.79 2.07 -25.01
N THR A 135 -16.07 2.45 -24.92
CA THR A 135 -16.46 3.82 -24.58
C THR A 135 -16.68 3.93 -23.08
N LEU A 136 -15.95 4.84 -22.44
CA LEU A 136 -15.97 4.95 -20.98
C LEU A 136 -16.84 6.10 -20.49
N ALA A 137 -17.81 5.77 -19.64
CA ALA A 137 -18.66 6.76 -18.97
C ALA A 137 -17.75 7.84 -18.39
N GLN A 138 -16.86 7.40 -17.51
CA GLN A 138 -15.80 8.25 -17.01
C GLN A 138 -14.52 7.44 -17.18
N GLY A 139 -13.47 8.04 -17.74
CA GLY A 139 -12.20 7.37 -17.91
C GLY A 139 -11.47 7.02 -16.61
N PRO A 140 -10.21 6.57 -16.71
CA PRO A 140 -9.41 6.18 -15.55
C PRO A 140 -8.84 7.35 -14.73
N SER A 141 -8.71 7.14 -13.43
CA SER A 141 -8.30 8.19 -12.51
C SER A 141 -6.91 7.99 -11.91
N CYS A 142 -6.32 6.81 -12.10
CA CYS A 142 -5.05 6.41 -11.44
C CYS A 142 -4.50 5.07 -11.97
N TRP A 143 -3.33 4.65 -11.50
CA TRP A 143 -2.71 3.41 -11.98
C TRP A 143 -3.58 2.14 -11.81
N ASP A 144 -4.13 1.95 -10.62
CA ASP A 144 -5.00 0.79 -10.38
C ASP A 144 -6.11 0.66 -11.43
N ASP A 145 -6.74 1.76 -11.82
CA ASP A 145 -7.78 1.70 -12.86
C ASP A 145 -7.33 1.00 -14.17
N VAL A 146 -6.08 1.18 -14.60
CA VAL A 146 -5.53 0.60 -15.87
C VAL A 146 -4.61 -0.64 -15.78
N LEU A 147 -4.18 -1.00 -14.57
CA LEU A 147 -3.39 -2.22 -14.34
C LEU A 147 -4.20 -3.40 -13.80
N ILE A 148 -5.21 -3.16 -12.97
CA ILE A 148 -5.99 -4.27 -12.40
C ILE A 148 -7.00 -4.74 -13.46
N PRO A 149 -6.87 -6.01 -13.91
CA PRO A 149 -7.76 -6.47 -14.96
C PRO A 149 -9.21 -6.49 -14.51
N ASN A 150 -10.11 -6.12 -15.43
CA ASN A 150 -11.57 -6.14 -15.23
C ASN A 150 -11.98 -5.17 -14.12
N ARG A 151 -11.24 -4.06 -14.03
CA ARG A 151 -11.43 -3.01 -13.02
C ARG A 151 -12.38 -1.93 -13.56
N MET A 152 -12.25 -1.57 -14.84
CA MET A 152 -13.18 -0.62 -15.47
C MET A 152 -14.19 -1.30 -16.41
N SER A 153 -15.22 -0.52 -16.76
CA SER A 153 -16.36 -1.01 -17.53
C SER A 153 -16.93 0.06 -18.43
N GLY A 154 -17.57 -0.38 -19.51
CA GLY A 154 -18.24 0.51 -20.45
C GLY A 154 -19.15 -0.27 -21.39
N GLU A 155 -19.42 0.29 -22.56
CA GLU A 155 -20.14 -0.43 -23.62
C GLU A 155 -19.30 -0.39 -24.89
N CYS A 156 -19.04 -1.57 -25.46
CA CYS A 156 -18.23 -1.71 -26.67
C CYS A 156 -19.04 -1.31 -27.91
N GLN A 157 -18.40 -0.59 -28.84
CA GLN A 157 -19.07 -0.17 -30.09
C GLN A 157 -18.93 -1.17 -31.25
N SER A 158 -18.45 -2.39 -30.98
CA SER A 158 -18.53 -3.46 -31.98
C SER A 158 -19.99 -3.90 -32.12
N PRO A 159 -20.40 -4.30 -33.33
CA PRO A 159 -21.74 -4.82 -33.56
C PRO A 159 -21.80 -6.32 -33.20
N ASP A 160 -22.84 -6.71 -32.46
CA ASP A 160 -22.99 -8.06 -31.92
C ASP A 160 -21.94 -8.45 -30.86
N CYS A 161 -21.22 -7.47 -30.31
CA CYS A 161 -20.30 -7.71 -29.20
C CYS A 161 -20.97 -7.26 -27.90
N PRO A 162 -21.04 -8.17 -26.90
CA PRO A 162 -21.62 -7.84 -25.61
C PRO A 162 -20.60 -7.30 -24.60
N GLY A 163 -19.31 -7.33 -24.93
CA GLY A 163 -18.24 -7.05 -23.97
C GLY A 163 -18.32 -5.69 -23.31
N THR A 164 -18.21 -5.69 -21.98
CA THR A 164 -18.20 -4.46 -21.18
C THR A 164 -16.83 -4.22 -20.52
N ARG A 165 -15.95 -5.22 -20.57
CA ARG A 165 -14.67 -5.20 -19.86
C ARG A 165 -13.66 -4.27 -20.53
N ALA A 166 -13.06 -3.39 -19.73
CA ALA A 166 -12.03 -2.49 -20.21
C ALA A 166 -10.69 -3.18 -20.05
N GLU A 167 -9.99 -3.36 -21.16
CA GLU A 167 -8.65 -3.89 -21.16
C GLU A 167 -7.82 -2.74 -21.64
N PHE A 168 -7.05 -2.15 -20.72
CA PHE A 168 -6.19 -1.02 -21.03
C PHE A 168 -4.85 -1.53 -21.52
N PHE A 169 -4.26 -0.85 -22.49
CA PHE A 169 -2.90 -1.18 -22.92
C PHE A 169 -2.13 0.09 -23.22
N PHE A 170 -0.82 -0.08 -23.41
CA PHE A 170 0.08 1.05 -23.63
C PHE A 170 0.90 0.83 -24.89
N LYS A 171 1.42 1.93 -25.41
CA LYS A 171 2.21 1.94 -26.63
C LYS A 171 3.32 2.97 -26.50
N CYS A 172 4.46 2.73 -27.14
CA CYS A 172 5.53 3.73 -27.24
C CYS A 172 5.08 4.94 -28.03
N GLY A 173 5.39 6.14 -27.53
CA GLY A 173 5.03 7.39 -28.19
C GLY A 173 6.13 8.07 -29.01
N ALA A 174 7.30 7.45 -29.06
CA ALA A 174 8.45 8.02 -29.77
C ALA A 174 8.40 7.81 -31.29
N HIS A 175 7.38 7.14 -31.79
CA HIS A 175 7.25 6.85 -33.22
C HIS A 175 5.87 6.26 -33.41
N PRO A 176 5.39 6.20 -34.67
CA PRO A 176 4.07 5.58 -34.90
C PRO A 176 4.09 4.08 -34.59
N THR A 177 2.93 3.53 -34.24
CA THR A 177 2.81 2.09 -33.93
C THR A 177 1.43 1.52 -34.21
N SER A 178 1.37 0.36 -34.87
CA SER A 178 0.12 -0.41 -34.98
C SER A 178 -0.43 -0.69 -33.58
N ASP A 179 -1.75 -0.60 -33.43
CA ASP A 179 -2.45 -0.95 -32.17
C ASP A 179 -1.89 -2.18 -31.46
N LYS A 180 -1.43 -3.15 -32.25
CA LYS A 180 -0.98 -4.45 -31.77
C LYS A 180 0.38 -4.37 -31.06
N ASP A 181 1.18 -3.38 -31.46
CA ASP A 181 2.53 -3.20 -30.98
C ASP A 181 2.60 -2.44 -29.64
N THR A 182 2.52 -3.18 -28.54
CA THR A 182 2.36 -2.62 -27.19
C THR A 182 3.60 -2.70 -26.30
N SER A 183 3.80 -1.69 -25.46
CA SER A 183 4.89 -1.70 -24.51
C SER A 183 4.32 -1.77 -23.10
N VAL A 184 5.19 -2.06 -22.14
CA VAL A 184 4.77 -2.19 -20.75
C VAL A 184 4.95 -0.85 -20.05
N ALA A 185 3.93 -0.48 -19.29
CA ALA A 185 3.97 0.75 -18.53
C ALA A 185 4.86 0.60 -17.29
N LEU A 186 5.68 1.62 -17.05
CA LEU A 186 6.52 1.70 -15.88
C LEU A 186 5.84 2.59 -14.84
N ASN A 187 4.76 2.06 -14.22
CA ASN A 187 3.87 2.80 -13.30
C ASN A 187 4.49 3.65 -12.16
N LEU A 188 5.71 3.30 -11.77
CA LEU A 188 6.48 4.05 -10.79
C LEU A 188 7.10 5.33 -11.36
N ILE A 189 7.27 5.36 -12.69
CA ILE A 189 7.89 6.50 -13.36
C ILE A 189 6.82 7.56 -13.50
N THR A 190 7.17 8.77 -13.06
CA THR A 190 6.23 9.81 -12.81
C THR A 190 6.75 11.10 -13.40
N ASN A 191 5.85 11.80 -14.07
CA ASN A 191 6.02 13.17 -14.50
C ASN A 191 6.28 14.06 -13.26
N ASN A 192 7.48 14.62 -13.15
CA ASN A 192 7.85 15.46 -12.00
C ASN A 192 7.22 16.86 -12.03
N SER A 193 5.90 16.88 -12.00
CA SER A 193 5.12 18.11 -12.12
C SER A 193 5.11 18.94 -10.84
N ARG A 194 5.63 18.37 -9.74
CA ARG A 194 5.75 19.06 -8.45
C ARG A 194 7.16 19.54 -8.16
N SER A 195 8.07 19.40 -9.12
CA SER A 195 9.44 19.91 -8.98
C SER A 195 10.12 19.36 -7.71
N ILE A 196 10.02 18.05 -7.53
CA ILE A 196 10.58 17.36 -6.36
C ILE A 196 12.06 17.04 -6.65
N PRO A 197 12.96 17.27 -5.67
CA PRO A 197 14.37 16.99 -5.93
C PRO A 197 14.69 15.50 -5.71
N CYS A 198 15.78 15.03 -6.30
CA CYS A 198 16.19 13.64 -6.16
C CYS A 198 16.70 13.38 -4.75
N ILE A 199 16.48 12.15 -4.28
CA ILE A 199 16.96 11.74 -2.96
C ILE A 199 18.47 11.50 -2.96
N ALA A 200 18.99 11.14 -4.13
CA ALA A 200 20.42 10.80 -4.31
C ALA A 200 21.25 12.01 -4.69
N CYS A 201 20.84 12.72 -5.74
CA CYS A 201 21.64 13.83 -6.28
C CYS A 201 21.08 15.24 -6.00
N THR A 202 19.87 15.34 -5.43
CA THR A 202 19.20 16.62 -5.12
C THR A 202 18.81 17.50 -6.33
N ASP A 203 19.01 17.01 -7.55
CA ASP A 203 18.61 17.67 -8.79
C ASP A 203 17.18 17.33 -9.15
N VAL A 204 16.45 18.33 -9.66
CA VAL A 204 15.06 18.17 -10.09
C VAL A 204 15.05 17.69 -11.54
N ARG A 205 14.75 16.41 -11.75
CA ARG A 205 14.71 15.81 -13.08
C ARG A 205 13.30 15.43 -13.46
N ASN A 206 13.12 15.08 -14.73
CA ASN A 206 11.82 14.62 -15.26
C ASN A 206 11.98 13.66 -16.45
N PRO A 207 11.41 12.45 -16.39
CA PRO A 207 10.60 11.95 -15.26
C PRO A 207 11.47 11.43 -14.12
N VAL A 208 10.80 11.08 -13.02
CA VAL A 208 11.47 10.52 -11.84
C VAL A 208 10.78 9.22 -11.46
N LEU A 209 11.51 8.32 -10.82
CA LEU A 209 10.92 7.10 -10.26
C LEU A 209 10.54 7.43 -8.81
N VAL A 210 9.33 7.06 -8.43
CA VAL A 210 8.81 7.29 -7.08
C VAL A 210 8.60 5.94 -6.41
N PHE A 211 9.18 5.77 -5.23
CA PHE A 211 9.18 4.49 -4.53
C PHE A 211 7.84 4.24 -3.84
N GLN A 212 7.62 2.99 -3.46
CA GLN A 212 6.41 2.56 -2.74
C GLN A 212 6.69 2.23 -1.27
N CYS A 213 7.53 3.07 -0.66
CA CYS A 213 7.71 3.14 0.77
C CYS A 213 6.65 4.08 1.33
N ASN A 214 6.63 4.21 2.65
CA ASN A 214 5.68 5.05 3.36
C ASN A 214 5.68 6.54 2.94
N HIS A 215 6.87 7.10 2.72
CA HIS A 215 7.05 8.51 2.32
C HIS A 215 6.96 8.77 0.81
N ARG A 216 6.82 7.69 0.02
CA ARG A 216 6.87 7.73 -1.44
C ARG A 216 8.08 8.53 -1.96
N HIS A 217 9.26 8.06 -1.56
CA HIS A 217 10.51 8.72 -1.90
C HIS A 217 10.74 8.80 -3.41
N VAL A 218 11.27 9.95 -3.85
CA VAL A 218 11.54 10.25 -5.26
C VAL A 218 13.01 9.99 -5.62
N ILE A 219 13.26 9.34 -6.76
CA ILE A 219 14.62 9.26 -7.33
C ILE A 219 14.61 9.54 -8.85
N CYS A 220 15.68 10.16 -9.34
CA CYS A 220 15.83 10.39 -10.76
C CYS A 220 16.29 9.10 -11.43
N LEU A 221 16.02 8.97 -12.73
CA LEU A 221 16.35 7.75 -13.46
C LEU A 221 17.86 7.55 -13.68
N ASP A 222 18.63 8.64 -13.68
CA ASP A 222 20.09 8.51 -13.69
C ASP A 222 20.61 7.85 -12.42
N CYS A 223 20.01 8.18 -11.28
CA CYS A 223 20.44 7.60 -10.01
C CYS A 223 19.88 6.22 -9.80
N PHE A 224 18.66 6.00 -10.27
CA PHE A 224 18.10 4.67 -10.28
C PHE A 224 19.03 3.71 -11.02
N HIS A 225 19.66 4.18 -12.10
CA HIS A 225 20.60 3.37 -12.86
C HIS A 225 21.86 3.07 -12.03
N LEU A 226 22.61 4.12 -11.71
CA LEU A 226 23.73 4.07 -10.72
C LEU A 226 23.44 3.13 -9.51
N TYR A 227 22.25 3.26 -8.94
CA TYR A 227 21.82 2.47 -7.78
C TYR A 227 21.66 1.01 -8.10
N CYS A 228 20.98 0.70 -9.21
CA CYS A 228 20.72 -0.69 -9.58
C CYS A 228 21.98 -1.43 -9.91
N VAL A 229 22.89 -0.74 -10.60
CA VAL A 229 24.17 -1.30 -11.05
C VAL A 229 25.10 -1.54 -9.86
N THR A 230 25.08 -0.64 -8.90
CA THR A 230 25.97 -0.73 -7.74
C THR A 230 25.61 -1.94 -6.91
N ARG A 231 24.31 -2.23 -6.82
CA ARG A 231 23.82 -3.37 -6.07
C ARG A 231 24.13 -4.68 -6.79
N LEU A 232 24.08 -4.67 -8.13
CA LEU A 232 24.49 -5.83 -8.93
C LEU A 232 25.94 -6.25 -8.67
N ASN A 233 26.86 -5.29 -8.72
CA ASN A 233 28.28 -5.53 -8.45
C ASN A 233 28.46 -5.96 -6.98
N ASP A 234 27.81 -5.23 -6.08
CA ASP A 234 27.79 -5.57 -4.65
C ASP A 234 27.09 -6.88 -4.28
N ARG A 235 26.16 -7.32 -5.12
CA ARG A 235 25.30 -8.47 -4.83
C ARG A 235 24.45 -8.20 -3.57
N GLN A 236 23.81 -7.03 -3.58
CA GLN A 236 22.97 -6.56 -2.49
C GLN A 236 21.49 -6.48 -2.88
N PHE A 237 21.14 -7.16 -3.98
CA PHE A 237 19.74 -7.36 -4.32
C PHE A 237 19.06 -8.24 -3.28
N VAL A 238 17.76 -8.06 -3.18
CA VAL A 238 16.93 -8.77 -2.24
C VAL A 238 16.07 -9.73 -3.02
N HIS A 239 15.82 -10.90 -2.45
CA HIS A 239 15.00 -11.89 -3.12
C HIS A 239 13.65 -12.04 -2.45
N ASP A 240 12.58 -11.70 -3.16
CA ASP A 240 11.23 -11.85 -2.62
C ASP A 240 11.04 -13.25 -3.08
N ALA A 241 10.77 -14.16 -2.15
CA ALA A 241 10.71 -15.55 -2.52
C ALA A 241 9.67 -15.83 -3.58
N GLN A 242 8.46 -15.34 -3.41
CA GLN A 242 7.46 -15.58 -4.44
C GLN A 242 7.77 -14.81 -5.71
N LEU A 243 8.05 -13.53 -5.54
CA LEU A 243 8.33 -12.63 -6.65
C LEU A 243 9.62 -12.76 -7.44
N GLY A 244 10.75 -12.89 -6.74
CA GLY A 244 12.03 -12.95 -7.40
C GLY A 244 13.01 -12.06 -6.68
N TYR A 245 13.89 -11.43 -7.44
CA TYR A 245 14.89 -10.50 -6.90
C TYR A 245 14.50 -9.05 -7.16
N SER A 246 14.72 -8.19 -6.18
CA SER A 246 14.39 -6.76 -6.29
C SER A 246 15.20 -5.86 -5.37
N LEU A 247 14.89 -4.57 -5.49
CA LEU A 247 15.49 -3.55 -4.67
C LEU A 247 14.40 -2.77 -3.97
N PRO A 248 14.62 -2.46 -2.67
CA PRO A 248 13.71 -1.62 -1.94
C PRO A 248 14.07 -0.18 -2.21
N CYS A 249 13.35 0.74 -1.60
CA CYS A 249 13.74 2.14 -1.63
C CYS A 249 15.22 2.33 -1.27
N VAL A 250 15.91 3.22 -1.96
CA VAL A 250 17.32 3.54 -1.72
C VAL A 250 17.62 4.02 -0.29
N ALA A 251 16.62 4.66 0.33
CA ALA A 251 16.70 5.08 1.74
C ALA A 251 16.62 3.92 2.74
N GLY A 252 16.46 2.69 2.24
CA GLY A 252 16.39 1.52 3.07
C GLY A 252 14.99 1.24 3.59
N CYS A 253 14.01 2.02 3.13
CA CYS A 253 12.64 1.94 3.65
C CYS A 253 12.11 0.52 3.58
N PRO A 254 11.43 0.06 4.66
CA PRO A 254 10.82 -1.27 4.64
C PRO A 254 9.55 -1.30 3.78
N ASN A 255 9.25 -2.48 3.24
CA ASN A 255 8.04 -2.73 2.44
C ASN A 255 7.93 -1.81 1.22
N SER A 256 9.05 -1.70 0.51
CA SER A 256 9.18 -0.85 -0.67
C SER A 256 9.95 -1.54 -1.80
N LEU A 257 9.85 -2.88 -1.88
CA LEU A 257 10.45 -3.62 -2.98
C LEU A 257 9.68 -3.31 -4.26
N ILE A 258 10.40 -3.11 -5.36
CA ILE A 258 9.76 -2.83 -6.66
C ILE A 258 9.12 -4.13 -7.14
N LYS A 259 7.79 -4.15 -7.11
CA LYS A 259 7.02 -5.34 -7.47
C LYS A 259 7.01 -5.55 -8.99
N GLU A 260 6.87 -4.45 -9.72
CA GLU A 260 6.85 -4.49 -11.18
C GLU A 260 8.28 -4.61 -11.72
N LEU A 261 8.73 -5.86 -11.83
CA LEU A 261 10.16 -6.16 -12.10
C LEU A 261 10.66 -5.73 -13.48
N HIS A 262 9.71 -5.45 -14.38
CA HIS A 262 9.98 -4.85 -15.69
CA HIS A 262 10.03 -4.87 -15.69
C HIS A 262 10.55 -3.43 -15.58
N HIS A 263 10.45 -2.81 -14.43
CA HIS A 263 11.15 -1.55 -14.18
C HIS A 263 12.69 -1.62 -14.25
N PHE A 264 13.28 -2.80 -14.11
CA PHE A 264 14.72 -2.95 -14.29
C PHE A 264 15.14 -2.95 -15.77
N ARG A 265 14.15 -3.00 -16.66
CA ARG A 265 14.39 -2.84 -18.11
C ARG A 265 15.05 -1.50 -18.45
N ILE A 266 14.78 -0.48 -17.63
CA ILE A 266 15.34 0.89 -17.71
C ILE A 266 16.86 0.95 -17.75
N LEU A 267 17.54 -0.06 -17.18
CA LEU A 267 19.01 -0.05 -17.12
C LEU A 267 19.63 -0.27 -18.49
N GLY A 268 18.79 -0.64 -19.46
CA GLY A 268 19.25 -1.06 -20.75
C GLY A 268 19.50 -2.56 -20.68
N GLU A 269 19.78 -3.11 -21.86
CA GLU A 269 19.92 -4.54 -22.08
C GLU A 269 21.11 -5.18 -21.38
N GLU A 270 22.31 -4.59 -21.49
CA GLU A 270 23.51 -5.08 -20.77
C GLU A 270 23.18 -5.31 -19.30
N GLN A 271 22.73 -4.25 -18.65
CA GLN A 271 22.46 -4.26 -17.22
C GLN A 271 21.18 -5.02 -16.85
N TYR A 272 20.15 -4.93 -17.68
CA TYR A 272 19.00 -5.81 -17.49
C TYR A 272 19.43 -7.28 -17.58
N ASN A 273 20.15 -7.62 -18.64
CA ASN A 273 20.64 -8.99 -18.88
C ASN A 273 21.43 -9.51 -17.70
N ARG A 274 22.29 -8.65 -17.16
CA ARG A 274 23.04 -8.94 -15.95
C ARG A 274 22.11 -9.26 -14.78
N TYR A 275 21.12 -8.39 -14.58
CA TYR A 275 20.11 -8.56 -13.53
C TYR A 275 19.32 -9.86 -13.64
N GLN A 276 18.95 -10.25 -14.85
CA GLN A 276 18.25 -11.54 -15.06
C GLN A 276 19.10 -12.76 -14.61
N GLN A 277 20.42 -12.65 -14.74
CA GLN A 277 21.36 -13.76 -14.46
C GLN A 277 21.70 -13.91 -12.97
N TYR A 278 21.00 -13.16 -12.13
CA TYR A 278 21.29 -13.06 -10.73
C TYR A 278 20.87 -14.34 -9.99
N GLY A 279 19.72 -14.89 -10.39
CA GLY A 279 19.29 -16.21 -9.90
C GLY A 279 20.39 -17.27 -10.10
N ALA A 280 20.77 -17.48 -11.35
CA ALA A 280 21.92 -18.35 -11.70
C ALA A 280 23.13 -18.18 -10.78
N GLU A 281 23.58 -16.94 -10.65
CA GLU A 281 24.79 -16.61 -9.90
C GLU A 281 24.62 -16.73 -8.37
N GLU A 282 23.44 -16.40 -7.85
CA GLU A 282 23.13 -16.62 -6.42
C GLU A 282 22.98 -18.11 -6.10
N CYS A 283 22.25 -18.82 -6.95
CA CYS A 283 22.08 -20.28 -6.88
C CYS A 283 23.42 -21.04 -6.88
N VAL A 284 24.38 -20.54 -7.66
CA VAL A 284 25.77 -21.04 -7.65
C VAL A 284 26.48 -20.64 -6.35
N LEU A 285 26.25 -19.41 -5.89
CA LEU A 285 26.79 -18.94 -4.61
C LEU A 285 26.35 -19.81 -3.42
N GLN A 286 25.07 -20.18 -3.40
CA GLN A 286 24.51 -21.03 -2.34
C GLN A 286 25.10 -22.46 -2.37
N MET A 287 25.34 -22.97 -3.58
CA MET A 287 25.99 -24.28 -3.75
C MET A 287 27.48 -24.29 -3.37
N GLY A 288 28.07 -23.12 -3.10
CA GLY A 288 29.47 -23.00 -2.69
C GLY A 288 30.40 -22.76 -3.87
N GLY A 289 29.83 -22.44 -5.04
CA GLY A 289 30.62 -22.13 -6.24
C GLY A 289 31.14 -20.71 -6.21
N VAL A 290 31.93 -20.36 -7.23
CA VAL A 290 32.56 -19.05 -7.34
C VAL A 290 32.40 -18.47 -8.74
N CYS A 292 33.42 -16.30 -11.86
CA CYS A 292 34.77 -16.12 -12.42
C CYS A 292 35.14 -14.63 -12.52
N PRO A 293 36.44 -14.30 -12.39
CA PRO A 293 36.88 -12.91 -12.40
C PRO A 293 37.37 -12.40 -13.78
N ARG A 294 36.91 -13.01 -14.88
CA ARG A 294 37.18 -12.51 -16.22
C ARG A 294 36.15 -11.43 -16.56
N PRO A 295 36.57 -10.35 -17.26
CA PRO A 295 35.62 -9.29 -17.62
C PRO A 295 34.58 -9.70 -18.66
N GLY A 296 34.94 -10.62 -19.56
CA GLY A 296 34.02 -11.12 -20.59
C GLY A 296 32.85 -11.89 -20.03
N CYS A 297 33.14 -12.87 -19.17
CA CYS A 297 32.12 -13.69 -18.51
C CYS A 297 32.25 -13.59 -16.99
N GLN A 305 35.97 -28.92 -5.49
CA GLN A 305 35.74 -29.44 -4.15
C GLN A 305 36.85 -29.06 -3.17
N GLY A 306 37.04 -27.75 -2.99
CA GLY A 306 38.02 -27.20 -2.04
C GLY A 306 39.41 -26.95 -2.61
N GLN A 307 39.46 -26.35 -3.81
CA GLN A 307 40.72 -26.00 -4.49
C GLN A 307 40.97 -24.49 -4.41
N THR A 311 40.49 -22.44 -12.78
CA THR A 311 40.26 -22.95 -14.13
C THR A 311 38.79 -22.81 -14.54
N CYS A 312 38.53 -21.96 -15.53
CA CYS A 312 37.18 -21.68 -16.01
C CYS A 312 36.85 -22.52 -17.26
N GLU A 313 36.07 -23.59 -17.05
CA GLU A 313 35.68 -24.48 -18.15
C GLU A 313 34.46 -25.32 -17.76
N GLY A 319 33.15 -23.11 -21.48
CA GLY A 319 33.52 -22.01 -20.58
C GLY A 319 34.33 -20.92 -21.26
N CYS A 320 35.15 -20.23 -20.47
CA CYS A 320 35.93 -19.07 -20.94
C CYS A 320 37.43 -19.34 -21.13
N GLY A 321 38.02 -20.14 -20.25
CA GLY A 321 39.43 -20.51 -20.36
C GLY A 321 40.33 -19.48 -19.72
N PHE A 322 40.32 -19.45 -18.38
CA PHE A 322 41.14 -18.51 -17.60
C PHE A 322 41.25 -19.03 -16.17
N VAL A 323 42.48 -19.31 -15.72
CA VAL A 323 42.73 -19.90 -14.40
C VAL A 323 42.91 -18.78 -13.38
N PHE A 324 42.52 -19.04 -12.13
CA PHE A 324 42.57 -18.04 -11.07
C PHE A 324 42.56 -18.60 -9.65
N CYS A 325 43.10 -17.83 -8.72
CA CYS A 325 43.02 -18.09 -7.29
C CYS A 325 41.57 -17.93 -6.82
N ARG A 326 41.18 -18.72 -5.82
CA ARG A 326 39.83 -18.67 -5.25
C ARG A 326 39.71 -17.71 -4.05
N ASP A 327 40.84 -17.39 -3.41
CA ASP A 327 40.85 -16.55 -2.21
C ASP A 327 40.72 -15.05 -2.55
N CYS A 328 41.60 -14.57 -3.44
CA CYS A 328 41.63 -13.16 -3.85
C CYS A 328 41.10 -12.89 -5.27
N LYS A 329 40.72 -13.94 -6.00
CA LYS A 329 40.18 -13.83 -7.36
C LYS A 329 41.18 -13.38 -8.46
N GLU A 330 42.48 -13.37 -8.13
CA GLU A 330 43.53 -13.00 -9.08
C GLU A 330 43.87 -14.24 -9.90
N ALA A 331 44.58 -14.05 -11.03
CA ALA A 331 45.10 -15.18 -11.83
C ALA A 331 45.98 -16.13 -11.00
N TYR A 332 46.17 -17.36 -11.50
CA TYR A 332 46.87 -18.41 -10.76
C TYR A 332 48.29 -18.03 -10.34
N HIS A 333 48.67 -18.39 -9.12
CA HIS A 333 49.97 -18.02 -8.55
C HIS A 333 50.32 -18.91 -7.35
N CYS A 337 48.51 -16.19 -2.14
CA CYS A 337 47.55 -15.15 -1.78
C CYS A 337 48.20 -14.11 -0.85
N ASP A 338 49.35 -13.59 -1.29
CA ASP A 338 50.13 -12.63 -0.52
C ASP A 338 49.59 -11.19 -0.65
N SER A 339 50.19 -10.27 0.10
CA SER A 339 49.84 -8.85 0.10
C SER A 339 48.46 -8.61 0.71
N TYR A 351 26.90 3.03 3.15
CA TYR A 351 25.81 2.86 2.20
C TYR A 351 24.52 3.51 2.74
N ARG A 352 24.54 4.83 2.88
CA ARG A 352 23.42 5.60 3.42
C ARG A 352 23.10 6.79 2.52
N VAL A 353 21.92 7.38 2.75
CA VAL A 353 21.49 8.59 2.06
C VAL A 353 21.16 9.67 3.09
N ASP A 354 21.38 10.93 2.73
CA ASP A 354 21.22 12.06 3.66
C ASP A 354 19.76 12.29 4.05
N GLN A 355 19.56 12.76 5.29
CA GLN A 355 18.22 12.94 5.86
C GLN A 355 17.48 14.16 5.31
N ARG A 356 18.22 15.22 5.01
CA ARG A 356 17.65 16.45 4.45
C ARG A 356 17.08 16.23 3.05
N ALA A 357 17.84 15.53 2.20
CA ALA A 357 17.38 15.12 0.89
C ALA A 357 16.19 14.16 0.99
N ALA A 358 16.25 13.23 1.95
CA ALA A 358 15.17 12.27 2.19
C ALA A 358 13.85 12.92 2.60
N GLU A 359 13.93 14.02 3.33
CA GLU A 359 12.74 14.80 3.73
C GLU A 359 12.13 15.56 2.54
N GLN A 360 12.98 16.15 1.71
CA GLN A 360 12.54 16.94 0.55
C GLN A 360 12.14 16.08 -0.65
N ALA A 361 12.85 14.96 -0.87
CA ALA A 361 12.65 14.09 -2.04
C ALA A 361 11.56 13.03 -1.82
N ARG A 362 10.37 13.46 -1.44
CA ARG A 362 9.20 12.59 -1.27
C ARG A 362 8.12 13.10 -2.19
N TRP A 363 7.27 12.19 -2.68
CA TRP A 363 6.18 12.60 -3.56
C TRP A 363 5.20 13.44 -2.77
N GLU A 364 4.77 12.93 -1.61
CA GLU A 364 4.04 13.73 -0.62
C GLU A 364 2.73 14.26 -1.19
N GLU A 365 2.46 15.57 -1.07
CA GLU A 365 1.25 16.19 -1.59
C GLU A 365 1.43 17.72 -1.67
N ALA A 366 0.49 18.38 -2.34
CA ALA A 366 0.43 19.84 -2.39
C ALA A 366 -0.84 20.31 -1.68
N SER A 367 -0.71 21.21 -0.71
CA SER A 367 -1.86 21.78 0.00
C SER A 367 -2.65 22.66 -0.97
N LYS A 368 -3.96 22.42 -1.05
CA LYS A 368 -4.79 22.99 -2.11
C LYS A 368 -4.96 24.51 -1.99
N GLU A 369 -4.79 25.20 -3.11
CA GLU A 369 -4.92 26.66 -3.17
C GLU A 369 -5.02 27.16 -4.62
N THR A 370 -5.48 28.39 -4.78
CA THR A 370 -5.66 29.03 -6.10
C THR A 370 -6.72 28.34 -6.95
N LYS A 373 -4.83 24.23 -9.79
CA LYS A 373 -4.52 22.91 -9.23
C LYS A 373 -5.71 22.27 -8.54
N THR A 374 -6.38 23.02 -7.68
CA THR A 374 -7.56 22.54 -6.95
C THR A 374 -8.81 22.79 -7.77
N THR A 375 -8.98 24.06 -8.18
CA THR A 375 -10.12 24.54 -8.94
C THR A 375 -9.68 25.32 -10.18
N LYS A 376 -10.46 25.22 -11.25
CA LYS A 376 -10.26 25.99 -12.47
C LYS A 376 -11.61 26.33 -13.11
N PRO A 377 -11.71 27.51 -13.74
CA PRO A 377 -12.98 27.91 -14.31
C PRO A 377 -13.18 27.19 -15.63
N CYS A 378 -14.44 26.92 -15.96
CA CYS A 378 -14.73 26.24 -17.21
C CYS A 378 -14.22 27.10 -18.37
N PRO A 379 -13.39 26.52 -19.26
CA PRO A 379 -12.89 27.23 -20.43
C PRO A 379 -13.95 27.97 -21.27
N ARG A 380 -15.11 27.35 -21.46
CA ARG A 380 -16.18 27.95 -22.29
C ARG A 380 -16.97 28.96 -21.44
N CYS A 381 -17.56 28.50 -20.35
CA CYS A 381 -18.54 29.29 -19.59
C CYS A 381 -18.06 29.91 -18.26
N ASN A 382 -16.84 29.57 -17.81
CA ASN A 382 -16.18 30.14 -16.62
C ASN A 382 -16.70 29.78 -15.22
N VAL A 383 -17.58 28.78 -15.09
CA VAL A 383 -18.03 28.38 -13.75
C VAL A 383 -16.99 27.43 -13.11
N PRO A 384 -16.52 27.73 -11.88
CA PRO A 384 -15.46 26.92 -11.25
C PRO A 384 -15.78 25.44 -11.13
N ILE A 385 -14.83 24.59 -11.53
CA ILE A 385 -14.98 23.14 -11.40
C ILE A 385 -13.74 22.66 -10.68
N GLU A 386 -13.93 21.91 -9.60
CA GLU A 386 -12.83 21.30 -8.87
C GLU A 386 -12.70 19.85 -9.34
N LYS A 387 -11.47 19.37 -9.41
CA LYS A 387 -11.19 18.04 -9.96
C LYS A 387 -11.34 16.96 -8.88
N ASN A 388 -11.94 15.84 -9.28
CA ASN A 388 -12.15 14.66 -8.45
C ASN A 388 -11.21 13.53 -8.89
N GLY A 389 -10.24 13.19 -8.04
CA GLY A 389 -9.25 12.15 -8.38
C GLY A 389 -8.28 12.64 -9.43
N GLY A 390 -7.55 11.73 -10.07
CA GLY A 390 -6.50 12.09 -11.04
C GLY A 390 -6.88 12.16 -12.51
N CYS A 391 -8.15 11.92 -12.83
CA CYS A 391 -8.63 11.92 -14.21
C CYS A 391 -8.68 13.35 -14.79
N MET A 392 -8.05 13.54 -15.94
CA MET A 392 -7.96 14.87 -16.59
C MET A 392 -9.22 15.23 -17.37
N HIS A 393 -10.13 14.27 -17.56
CA HIS A 393 -11.30 14.44 -18.42
C HIS A 393 -12.43 15.12 -17.67
N MET A 394 -12.56 16.42 -17.90
CA MET A 394 -13.57 17.25 -17.25
C MET A 394 -14.78 17.29 -18.16
N LYS A 395 -15.96 17.41 -17.55
CA LYS A 395 -17.22 17.73 -18.23
C LYS A 395 -17.90 18.82 -17.40
N CYS A 396 -18.76 19.62 -18.02
CA CYS A 396 -19.34 20.78 -17.34
C CYS A 396 -20.81 20.51 -16.99
N PRO A 397 -21.21 20.70 -15.70
CA PRO A 397 -22.62 20.53 -15.35
C PRO A 397 -23.56 21.62 -15.90
N GLN A 398 -23.03 22.79 -16.23
CA GLN A 398 -23.85 23.89 -16.72
C GLN A 398 -24.53 23.41 -18.02
N PRO A 399 -25.88 23.30 -18.04
CA PRO A 399 -26.57 22.67 -19.17
C PRO A 399 -26.52 23.48 -20.47
N GLN A 400 -26.40 24.80 -20.38
CA GLN A 400 -26.22 25.65 -21.55
C GLN A 400 -24.80 25.58 -22.15
N CYS A 401 -23.92 24.77 -21.56
CA CYS A 401 -22.51 24.61 -22.00
C CYS A 401 -22.14 23.14 -22.15
N LYS A 402 -21.88 22.47 -21.02
CA LYS A 402 -21.51 21.04 -20.96
C LYS A 402 -20.19 20.69 -21.67
N LEU A 403 -19.22 21.62 -21.62
CA LEU A 403 -17.96 21.39 -22.28
C LEU A 403 -17.23 20.22 -21.66
N GLU A 404 -16.84 19.26 -22.49
CA GLU A 404 -15.86 18.25 -22.11
C GLU A 404 -14.49 18.83 -22.48
N TRP A 405 -13.61 18.92 -21.49
CA TRP A 405 -12.31 19.51 -21.67
C TRP A 405 -11.22 18.79 -20.90
N CYS A 406 -9.97 19.12 -21.21
CA CYS A 406 -8.80 18.61 -20.48
C CYS A 406 -8.40 19.60 -19.41
N TRP A 407 -8.34 19.12 -18.16
CA TRP A 407 -7.88 19.89 -17.00
C TRP A 407 -6.53 20.53 -17.30
N ASN A 408 -5.58 19.70 -17.70
CA ASN A 408 -4.20 20.12 -17.93
C ASN A 408 -4.03 21.09 -19.09
N CYS A 409 -4.61 20.78 -20.24
CA CYS A 409 -4.38 21.61 -21.44
C CYS A 409 -5.32 22.82 -21.54
N GLY A 410 -6.51 22.71 -20.93
CA GLY A 410 -7.50 23.79 -20.98
C GLY A 410 -8.34 23.78 -22.24
N CYS A 411 -8.26 22.71 -23.02
CA CYS A 411 -8.83 22.63 -24.34
C CYS A 411 -9.91 21.57 -24.36
N GLU A 412 -10.67 21.53 -25.44
CA GLU A 412 -11.65 20.49 -25.65
C GLU A 412 -11.05 19.10 -25.44
N TRP A 413 -11.81 18.18 -24.89
CA TRP A 413 -11.33 16.80 -24.68
C TRP A 413 -11.16 16.06 -26.03
N ASN A 414 -10.26 15.08 -26.09
CA ASN A 414 -9.84 14.43 -27.34
C ASN A 414 -8.87 13.27 -27.10
N ARG A 415 -8.50 12.55 -28.16
CA ARG A 415 -7.61 11.37 -28.07
C ARG A 415 -6.15 11.67 -27.66
N ALA A 416 -5.63 12.86 -27.97
CA ALA A 416 -4.23 13.20 -27.62
C ALA A 416 -4.08 13.36 -26.13
N CYS A 417 -4.96 14.15 -25.53
CA CYS A 417 -4.97 14.30 -24.08
C CYS A 417 -5.15 12.94 -23.47
N MET A 418 -6.19 12.23 -23.93
CA MET A 418 -6.43 10.84 -23.50
C MET A 418 -5.16 10.02 -23.47
N GLY A 419 -4.48 9.91 -24.61
CA GLY A 419 -3.28 9.10 -24.69
C GLY A 419 -2.09 9.54 -23.87
N ASP A 420 -1.79 10.83 -23.94
CA ASP A 420 -0.71 11.40 -23.19
C ASP A 420 -0.97 11.44 -21.71
N HIS A 421 -2.19 11.80 -21.35
CA HIS A 421 -2.57 11.90 -19.95
C HIS A 421 -4.06 11.75 -19.66
N TRP A 422 -4.60 10.54 -19.76
CA TRP A 422 -6.00 10.35 -19.47
C TRP A 422 -6.17 10.70 -18.01
N PHE A 423 -5.18 10.30 -17.22
CA PHE A 423 -5.13 10.57 -15.81
C PHE A 423 -3.71 11.03 -15.52
N ASP A 424 -3.50 11.54 -14.33
CA ASP A 424 -2.24 12.08 -13.92
C ASP A 424 -2.09 11.74 -12.43
N VAL A 425 -0.85 11.59 -11.98
CA VAL A 425 -0.56 11.24 -10.60
C VAL A 425 0.10 12.46 -9.95
N MET B 6 -10.85 -37.02 20.26
CA MET B 6 -11.01 -36.85 21.75
C MET B 6 -10.54 -35.48 22.24
N ILE B 7 -9.27 -35.18 22.02
CA ILE B 7 -8.67 -33.91 22.41
C ILE B 7 -8.75 -32.88 21.26
N VAL B 8 -9.30 -31.70 21.58
CA VAL B 8 -9.25 -30.53 20.71
C VAL B 8 -8.80 -29.35 21.57
N PHE B 9 -7.82 -28.60 21.07
CA PHE B 9 -7.27 -27.45 21.81
C PHE B 9 -8.15 -26.23 21.63
N VAL B 10 -8.57 -25.63 22.74
CA VAL B 10 -9.43 -24.46 22.72
C VAL B 10 -8.65 -23.22 23.16
N ARG B 11 -8.36 -22.35 22.19
CA ARG B 11 -7.78 -21.04 22.46
C ARG B 11 -8.91 -20.03 22.67
N PHE B 12 -8.96 -19.42 23.84
CA PHE B 12 -10.02 -18.47 24.22
C PHE B 12 -9.39 -17.21 24.81
N ASN B 13 -9.23 -16.17 23.99
CA ASN B 13 -8.54 -14.92 24.41
C ASN B 13 -7.07 -15.11 24.83
N SER B 14 -6.50 -16.27 24.53
CA SER B 14 -5.16 -16.63 24.98
C SER B 14 -4.35 -17.11 23.77
N SER B 15 -3.04 -17.25 23.98
CA SER B 15 -2.08 -17.68 22.97
C SER B 15 -2.00 -19.20 22.76
N TYR B 16 -2.32 -19.99 23.79
N TYR B 16 -2.31 -19.97 23.81
CA TYR B 16 -2.31 -21.46 23.69
CA TYR B 16 -2.28 -21.43 23.76
C TYR B 16 -3.65 -22.04 24.05
C TYR B 16 -3.66 -22.02 24.04
N GLY B 17 -3.84 -23.27 23.62
CA GLY B 17 -5.09 -24.01 23.85
C GLY B 17 -5.06 -24.83 25.12
N PHE B 18 -6.24 -25.07 25.66
CA PHE B 18 -6.45 -26.06 26.70
C PHE B 18 -7.20 -27.23 26.05
N PRO B 19 -6.88 -28.48 26.42
CA PRO B 19 -7.55 -29.61 25.78
C PRO B 19 -8.92 -29.87 26.38
N VAL B 20 -9.93 -29.98 25.52
CA VAL B 20 -11.29 -30.34 25.93
C VAL B 20 -11.51 -31.79 25.48
N GLU B 21 -12.31 -32.53 26.25
CA GLU B 21 -12.61 -33.96 25.99
C GLU B 21 -14.02 -34.10 25.44
N VAL B 22 -14.12 -34.42 24.14
CA VAL B 22 -15.40 -34.50 23.43
C VAL B 22 -15.51 -35.75 22.54
N ASP B 23 -16.73 -36.26 22.43
CA ASP B 23 -17.02 -37.39 21.57
C ASP B 23 -17.04 -36.90 20.13
N SER B 24 -17.11 -37.85 19.21
CA SER B 24 -17.44 -37.57 17.81
C SER B 24 -18.86 -37.00 17.72
N ASP B 25 -19.74 -37.55 18.54
CA ASP B 25 -21.17 -37.15 18.60
C ASP B 25 -21.40 -35.73 19.11
N THR B 26 -20.43 -35.20 19.87
CA THR B 26 -20.58 -33.90 20.52
C THR B 26 -20.93 -32.83 19.52
N SER B 27 -22.00 -32.10 19.82
CA SER B 27 -22.49 -31.01 18.99
C SER B 27 -21.70 -29.74 19.31
N ILE B 28 -21.52 -28.89 18.31
CA ILE B 28 -20.79 -27.65 18.50
C ILE B 28 -21.39 -26.83 19.67
N PHE B 29 -22.72 -26.92 19.86
CA PHE B 29 -23.38 -26.32 21.02
C PHE B 29 -22.95 -26.92 22.35
N GLN B 30 -22.81 -28.25 22.39
CA GLN B 30 -22.33 -28.94 23.60
C GLN B 30 -20.88 -28.54 23.93
N LEU B 31 -20.09 -28.27 22.88
CA LEU B 31 -18.74 -27.72 23.06
C LEU B 31 -18.82 -26.31 23.63
N LYS B 32 -19.69 -25.47 23.04
CA LYS B 32 -20.00 -24.14 23.58
C LYS B 32 -20.66 -24.15 24.97
N GLU B 33 -21.36 -25.23 25.31
CA GLU B 33 -21.87 -25.41 26.67
C GLU B 33 -20.75 -25.66 27.67
N VAL B 34 -19.81 -26.53 27.30
CA VAL B 34 -18.72 -26.97 28.17
C VAL B 34 -17.68 -25.85 28.39
N VAL B 35 -17.45 -25.06 27.35
CA VAL B 35 -16.58 -23.89 27.46
C VAL B 35 -17.28 -22.81 28.30
N ALA B 36 -18.58 -22.60 28.07
CA ALA B 36 -19.39 -21.64 28.84
C ALA B 36 -19.43 -21.92 30.35
N LYS B 37 -19.49 -23.21 30.71
CA LYS B 37 -19.48 -23.62 32.11
C LYS B 37 -18.14 -23.34 32.79
N ARG B 38 -17.04 -23.58 32.06
CA ARG B 38 -15.69 -23.34 32.58
C ARG B 38 -15.40 -21.85 32.78
N GLN B 39 -15.68 -21.05 31.75
CA GLN B 39 -15.39 -19.60 31.77
C GLN B 39 -16.38 -18.78 32.60
N GLY B 40 -17.64 -19.21 32.62
CA GLY B 40 -18.72 -18.46 33.28
C GLY B 40 -19.21 -17.38 32.34
N VAL B 41 -19.58 -17.80 31.13
CA VAL B 41 -19.92 -16.89 30.03
C VAL B 41 -21.14 -17.47 29.26
N PRO B 42 -22.09 -16.63 28.88
CA PRO B 42 -23.26 -17.15 28.16
C PRO B 42 -22.91 -17.78 26.81
N ALA B 43 -23.51 -18.94 26.57
CA ALA B 43 -23.29 -19.71 25.36
C ALA B 43 -23.72 -19.04 24.07
N ASP B 44 -24.79 -18.28 24.14
CA ASP B 44 -25.32 -17.61 22.96
C ASP B 44 -24.31 -16.67 22.33
N GLN B 45 -23.35 -16.20 23.10
CA GLN B 45 -22.35 -15.29 22.59
C GLN B 45 -21.00 -15.91 22.18
N LEU B 46 -20.90 -17.23 22.21
CA LEU B 46 -19.63 -17.88 21.86
C LEU B 46 -19.58 -18.39 20.44
N ARG B 47 -18.51 -18.07 19.72
CA ARG B 47 -18.44 -18.53 18.33
C ARG B 47 -17.21 -19.41 18.18
N VAL B 48 -17.42 -20.71 17.94
CA VAL B 48 -16.33 -21.62 17.65
C VAL B 48 -15.89 -21.44 16.21
N ILE B 49 -14.56 -21.36 16.02
CA ILE B 49 -13.99 -21.15 14.69
C ILE B 49 -12.84 -22.13 14.54
N PHE B 50 -12.68 -22.61 13.31
CA PHE B 50 -11.67 -23.57 12.95
C PHE B 50 -11.25 -23.26 11.52
N ALA B 51 -9.97 -22.95 11.34
CA ALA B 51 -9.38 -22.66 10.04
C ALA B 51 -9.95 -21.41 9.38
N GLY B 52 -10.51 -20.51 10.19
CA GLY B 52 -11.22 -19.33 9.67
C GLY B 52 -12.68 -19.58 9.34
N LYS B 53 -13.11 -20.84 9.38
CA LYS B 53 -14.51 -21.19 9.22
C LYS B 53 -15.17 -21.27 10.59
N GLU B 54 -16.30 -20.58 10.75
CA GLU B 54 -17.11 -20.73 11.94
C GLU B 54 -17.88 -22.04 11.85
N LEU B 55 -18.04 -22.71 12.98
CA LEU B 55 -18.76 -23.96 13.06
C LEU B 55 -20.14 -23.74 13.70
N GLN B 56 -21.20 -24.11 12.96
CA GLN B 56 -22.56 -23.91 13.43
C GLN B 56 -22.94 -24.92 14.50
N ASN B 57 -23.79 -24.47 15.41
CA ASN B 57 -24.10 -25.22 16.63
C ASN B 57 -24.51 -26.68 16.41
N HIS B 58 -25.40 -26.90 15.44
CA HIS B 58 -25.93 -28.24 15.11
C HIS B 58 -24.95 -29.24 14.48
N LEU B 59 -23.78 -28.79 14.03
CA LEU B 59 -22.80 -29.71 13.43
C LEU B 59 -22.16 -30.57 14.51
N THR B 60 -21.62 -31.71 14.09
CA THR B 60 -20.90 -32.62 14.98
C THR B 60 -19.43 -32.64 14.61
N VAL B 61 -18.61 -33.16 15.53
CA VAL B 61 -17.14 -33.18 15.37
C VAL B 61 -16.70 -33.86 14.06
N GLN B 62 -17.35 -34.98 13.72
CA GLN B 62 -17.06 -35.72 12.49
C GLN B 62 -17.37 -34.89 11.25
N ASN B 63 -18.56 -34.25 11.23
CA ASN B 63 -19.00 -33.43 10.09
C ASN B 63 -18.04 -32.30 9.69
N CYS B 64 -17.41 -31.68 10.69
CA CYS B 64 -16.43 -30.60 10.45
C CYS B 64 -15.08 -31.10 9.96
N ASP B 65 -14.86 -32.42 10.00
CA ASP B 65 -13.57 -33.04 9.77
C ASP B 65 -12.55 -32.43 10.72
N LEU B 66 -12.86 -32.57 12.01
CA LEU B 66 -11.98 -32.15 13.10
C LEU B 66 -11.13 -33.32 13.58
N GLU B 67 -9.81 -33.18 13.45
CA GLU B 67 -8.86 -34.25 13.79
C GLU B 67 -8.49 -34.23 15.29
N GLN B 68 -7.57 -35.12 15.68
CA GLN B 68 -7.00 -35.13 17.04
C GLN B 68 -6.11 -33.90 17.30
N GLN B 69 -6.12 -33.43 18.55
CA GLN B 69 -5.31 -32.27 18.99
C GLN B 69 -5.50 -31.01 18.12
N SER B 70 -6.69 -30.86 17.54
CA SER B 70 -6.93 -29.80 16.58
C SER B 70 -7.23 -28.51 17.34
N ILE B 71 -6.78 -27.39 16.79
CA ILE B 71 -6.93 -26.09 17.43
C ILE B 71 -8.23 -25.41 16.96
N VAL B 72 -9.21 -25.32 17.85
CA VAL B 72 -10.39 -24.46 17.60
C VAL B 72 -10.33 -23.24 18.49
N HIS B 73 -10.81 -22.11 17.98
CA HIS B 73 -10.94 -20.91 18.80
C HIS B 73 -12.36 -20.78 19.33
N ILE B 74 -12.51 -19.90 20.29
CA ILE B 74 -13.82 -19.42 20.68
C ILE B 74 -13.66 -17.94 20.89
N VAL B 75 -14.56 -17.16 20.29
CA VAL B 75 -14.59 -15.72 20.55
C VAL B 75 -15.97 -15.35 21.08
N GLN B 76 -15.96 -14.60 22.17
CA GLN B 76 -17.18 -14.13 22.79
C GLN B 76 -17.67 -12.93 21.99
N ARG B 77 -18.99 -12.74 21.94
CA ARG B 77 -19.60 -11.62 21.20
C ARG B 77 -20.66 -10.86 22.01
N PRO B 78 -20.22 -9.91 22.86
CA PRO B 78 -21.12 -9.07 23.65
C PRO B 78 -21.38 -7.71 23.00
N GLN B 79 -22.58 -7.16 23.20
CA GLN B 79 -22.99 -5.87 22.62
C GLN B 79 -24.15 -5.22 23.38
N ARG B 80 -24.57 -4.04 22.91
CA ARG B 80 -25.78 -3.37 23.40
C ARG B 80 -25.76 -3.08 24.91
N LYS B 100 -38.50 7.56 6.53
CA LYS B 100 -37.28 7.10 5.85
C LYS B 100 -36.00 7.45 6.66
N PRO B 101 -35.13 6.44 6.97
CA PRO B 101 -34.04 6.60 7.97
C PRO B 101 -32.91 7.62 7.67
N THR B 102 -31.94 7.65 8.58
CA THR B 102 -30.73 8.45 8.45
C THR B 102 -29.62 7.66 7.72
N TYR B 103 -29.15 8.22 6.59
CA TYR B 103 -28.05 7.66 5.80
C TYR B 103 -26.68 8.10 6.33
N HIS B 104 -25.93 7.15 6.88
CA HIS B 104 -24.64 7.39 7.51
C HIS B 104 -23.43 7.00 6.64
N SER B 105 -22.57 7.97 6.34
CA SER B 105 -21.32 7.78 5.60
C SER B 105 -20.13 7.53 6.51
N PHE B 106 -20.11 8.25 7.63
CA PHE B 106 -18.99 8.24 8.52
C PHE B 106 -19.34 7.38 9.71
N PHE B 107 -18.35 6.64 10.18
CA PHE B 107 -18.48 5.82 11.37
C PHE B 107 -17.23 6.05 12.19
N VAL B 108 -17.45 6.29 13.47
CA VAL B 108 -16.37 6.68 14.41
C VAL B 108 -16.32 5.72 15.55
N TYR B 109 -15.19 5.71 16.28
CA TYR B 109 -15.10 4.97 17.56
C TYR B 109 -15.29 5.92 18.72
N CYS B 110 -16.45 5.89 19.37
CA CYS B 110 -16.73 6.77 20.55
C CYS B 110 -16.08 6.26 21.83
N LYS B 111 -14.99 6.90 22.26
CA LYS B 111 -14.29 6.57 23.52
C LYS B 111 -15.20 6.55 24.76
N GLY B 112 -16.27 7.35 24.75
CA GLY B 112 -17.33 7.22 25.76
C GLY B 112 -18.49 8.19 25.54
N PRO B 113 -19.66 7.92 26.13
CA PRO B 113 -19.89 6.75 26.95
C PRO B 113 -20.12 5.43 26.21
N CYS B 114 -20.12 5.44 24.87
CA CYS B 114 -20.50 4.27 24.07
C CYS B 114 -19.45 3.18 23.94
N HIS B 115 -18.17 3.54 23.95
CA HIS B 115 -17.05 2.59 23.94
C HIS B 115 -17.17 1.52 22.86
N LYS B 116 -17.58 1.95 21.69
CA LYS B 116 -17.87 1.06 20.58
C LYS B 116 -18.06 1.89 19.35
N VAL B 117 -18.06 1.26 18.18
CA VAL B 117 -18.21 2.01 16.93
C VAL B 117 -19.63 2.53 16.76
N GLN B 118 -19.74 3.78 16.31
CA GLN B 118 -21.05 4.43 16.14
C GLN B 118 -20.99 5.30 14.92
N PRO B 119 -22.15 5.61 14.29
CA PRO B 119 -22.06 6.53 13.18
C PRO B 119 -21.62 7.89 13.73
N GLY B 120 -20.93 8.67 12.91
CA GLY B 120 -20.40 9.96 13.38
C GLY B 120 -20.80 11.13 12.53
N LYS B 121 -20.74 12.33 13.12
CA LYS B 121 -21.00 13.57 12.43
C LYS B 121 -19.66 14.13 11.96
N LEU B 122 -19.68 14.80 10.79
CA LEU B 122 -18.50 15.39 10.18
C LEU B 122 -18.57 16.90 10.30
N ARG B 123 -17.58 17.50 10.93
CA ARG B 123 -17.56 18.92 11.19
C ARG B 123 -16.26 19.52 10.71
N VAL B 124 -16.30 20.82 10.40
CA VAL B 124 -15.14 21.55 9.94
C VAL B 124 -15.00 22.82 10.77
N GLN B 125 -13.76 23.31 10.85
CA GLN B 125 -13.47 24.54 11.56
C GLN B 125 -12.23 25.20 10.99
N CYS B 126 -12.18 26.54 11.10
CA CYS B 126 -10.99 27.31 10.82
C CYS B 126 -9.81 26.74 11.60
N GLY B 127 -8.84 26.18 10.88
CA GLY B 127 -7.66 25.56 11.48
C GLY B 127 -6.71 26.51 12.20
N THR B 128 -6.76 27.79 11.85
CA THR B 128 -5.91 28.81 12.43
C THR B 128 -6.41 29.29 13.80
N CYS B 129 -7.74 29.28 14.03
CA CYS B 129 -8.32 29.69 15.32
C CYS B 129 -9.21 28.64 16.02
N ARG B 130 -9.38 27.48 15.39
CA ARG B 130 -10.14 26.35 15.95
C ARG B 130 -11.54 26.75 16.44
N GLN B 131 -12.35 27.24 15.50
CA GLN B 131 -13.75 27.59 15.74
C GLN B 131 -14.58 27.22 14.52
N ALA B 132 -15.69 26.51 14.75
CA ALA B 132 -16.50 25.98 13.65
C ALA B 132 -17.25 27.07 12.89
N THR B 133 -16.49 27.78 12.05
CA THR B 133 -17.01 28.91 11.26
C THR B 133 -16.28 29.05 9.91
N LEU B 134 -15.94 27.92 9.28
CA LEU B 134 -15.16 27.94 8.04
C LEU B 134 -16.06 27.62 6.83
N THR B 135 -16.46 28.68 6.13
CA THR B 135 -17.30 28.56 4.92
C THR B 135 -16.50 28.00 3.75
N LEU B 136 -16.91 26.84 3.23
CA LEU B 136 -16.21 26.17 2.13
C LEU B 136 -16.82 26.52 0.78
N ALA B 137 -15.96 26.84 -0.18
CA ALA B 137 -16.37 27.12 -1.55
C ALA B 137 -17.09 25.91 -2.14
N GLN B 138 -16.47 24.74 -1.98
CA GLN B 138 -17.12 23.46 -2.17
C GLN B 138 -16.60 22.48 -1.12
N GLY B 139 -17.49 21.62 -0.65
CA GLY B 139 -17.19 20.67 0.40
C GLY B 139 -16.39 19.45 -0.02
N PRO B 140 -16.11 18.56 0.94
CA PRO B 140 -15.27 17.39 0.70
C PRO B 140 -16.00 16.34 -0.14
N SER B 141 -15.23 15.56 -0.89
CA SER B 141 -15.78 14.55 -1.81
C SER B 141 -15.37 13.13 -1.47
N CYS B 142 -14.36 12.98 -0.62
CA CYS B 142 -13.78 11.69 -0.34
C CYS B 142 -12.99 11.78 0.95
N TRP B 143 -12.55 10.62 1.46
CA TRP B 143 -11.77 10.57 2.72
C TRP B 143 -10.49 11.43 2.73
N ASP B 144 -9.71 11.35 1.66
CA ASP B 144 -8.52 12.20 1.50
C ASP B 144 -8.78 13.67 1.82
N ASP B 145 -9.88 14.24 1.32
CA ASP B 145 -10.20 15.65 1.56
C ASP B 145 -10.34 16.04 3.05
N VAL B 146 -10.81 15.08 3.87
CA VAL B 146 -11.05 15.31 5.31
C VAL B 146 -10.00 14.68 6.26
N LEU B 147 -9.11 13.84 5.72
CA LEU B 147 -8.04 13.23 6.52
C LEU B 147 -6.69 13.93 6.37
N ILE B 148 -6.35 14.31 5.13
CA ILE B 148 -5.09 15.00 4.84
C ILE B 148 -5.14 16.45 5.34
N PRO B 149 -4.30 16.82 6.34
CA PRO B 149 -4.38 18.20 6.84
C PRO B 149 -4.10 19.23 5.76
N ASN B 150 -4.84 20.34 5.81
CA ASN B 150 -4.61 21.51 4.95
C ASN B 150 -5.07 21.32 3.49
N ARG B 151 -5.87 20.28 3.25
CA ARG B 151 -6.32 19.91 1.91
C ARG B 151 -7.36 20.90 1.36
N MET B 152 -8.22 21.41 2.21
CA MET B 152 -9.34 22.24 1.75
C MET B 152 -9.25 23.66 2.28
N SER B 153 -9.99 24.55 1.63
CA SER B 153 -9.90 25.97 1.89
C SER B 153 -11.26 26.67 1.90
N GLY B 154 -11.29 27.79 2.61
CA GLY B 154 -12.47 28.61 2.69
C GLY B 154 -12.10 30.00 3.14
N GLU B 155 -13.08 30.72 3.68
CA GLU B 155 -12.82 31.99 4.35
C GLU B 155 -13.53 31.94 5.72
N CYS B 156 -12.73 32.01 6.79
CA CYS B 156 -13.25 31.89 8.15
C CYS B 156 -14.13 33.09 8.51
N GLN B 157 -15.23 32.82 9.21
CA GLN B 157 -16.20 33.84 9.59
C GLN B 157 -15.97 34.44 10.99
N SER B 158 -14.83 34.14 11.62
CA SER B 158 -14.41 34.89 12.81
C SER B 158 -14.03 36.29 12.36
N PRO B 159 -14.35 37.32 13.17
CA PRO B 159 -14.29 38.72 12.73
C PRO B 159 -12.92 39.17 12.25
N ASP B 160 -11.87 38.83 13.01
CA ASP B 160 -10.50 39.26 12.72
C ASP B 160 -9.58 38.13 12.28
N CYS B 161 -10.05 36.88 12.33
CA CYS B 161 -9.23 35.72 11.95
C CYS B 161 -8.98 35.71 10.43
N PRO B 162 -7.70 35.59 10.01
CA PRO B 162 -7.40 35.54 8.59
C PRO B 162 -7.31 34.11 8.03
N GLY B 163 -7.64 33.10 8.85
CA GLY B 163 -7.42 31.70 8.50
C GLY B 163 -8.22 31.20 7.33
N THR B 164 -7.56 30.49 6.42
CA THR B 164 -8.23 29.83 5.28
C THR B 164 -8.17 28.29 5.36
N ARG B 165 -7.39 27.74 6.29
CA ARG B 165 -7.21 26.30 6.41
C ARG B 165 -8.45 25.61 6.98
N ALA B 166 -8.76 24.44 6.43
CA ALA B 166 -9.93 23.65 6.83
C ALA B 166 -9.46 22.46 7.66
N GLU B 167 -9.85 22.45 8.94
CA GLU B 167 -9.53 21.36 9.85
C GLU B 167 -10.82 20.61 10.09
N PHE B 168 -10.88 19.35 9.63
CA PHE B 168 -12.09 18.54 9.74
C PHE B 168 -12.02 17.68 11.00
N PHE B 169 -13.13 17.58 11.72
CA PHE B 169 -13.22 16.71 12.89
C PHE B 169 -14.52 15.92 12.95
N PHE B 170 -14.52 14.86 13.77
CA PHE B 170 -15.64 13.94 13.85
C PHE B 170 -16.14 13.78 15.27
N LYS B 171 -17.43 13.47 15.38
CA LYS B 171 -18.14 13.38 16.65
C LYS B 171 -19.08 12.18 16.62
N CYS B 172 -19.29 11.55 17.76
CA CYS B 172 -20.27 10.48 17.85
C CYS B 172 -21.68 11.00 17.60
N GLY B 173 -22.42 10.29 16.77
CA GLY B 173 -23.81 10.62 16.47
C GLY B 173 -24.83 9.92 17.32
N ALA B 174 -24.41 8.95 18.12
CA ALA B 174 -25.36 8.16 18.93
C ALA B 174 -25.94 8.93 20.14
N HIS B 175 -25.47 10.18 20.36
CA HIS B 175 -25.91 11.00 21.47
C HIS B 175 -25.45 12.45 21.27
N PRO B 176 -25.93 13.41 22.08
CA PRO B 176 -25.42 14.78 21.92
C PRO B 176 -23.95 14.89 22.38
N THR B 177 -23.20 15.80 21.78
CA THR B 177 -21.80 16.02 22.15
C THR B 177 -21.37 17.47 21.93
N SER B 178 -20.72 18.05 22.93
CA SER B 178 -20.08 19.36 22.74
C SER B 178 -19.10 19.24 21.58
N ASP B 179 -18.98 20.29 20.76
CA ASP B 179 -18.06 20.28 19.61
C ASP B 179 -16.62 19.85 19.97
N LYS B 180 -16.20 20.07 21.21
CA LYS B 180 -14.87 19.63 21.68
C LYS B 180 -14.79 18.09 21.87
N ASP B 181 -15.92 17.43 22.12
CA ASP B 181 -15.96 15.97 22.36
C ASP B 181 -15.86 15.14 21.07
N THR B 182 -14.65 14.87 20.63
CA THR B 182 -14.39 14.36 19.27
C THR B 182 -13.98 12.91 19.26
N SER B 183 -14.59 12.13 18.36
CA SER B 183 -14.21 10.76 18.17
C SER B 183 -13.38 10.67 16.90
N VAL B 184 -12.69 9.54 16.75
CA VAL B 184 -11.89 9.31 15.57
C VAL B 184 -12.67 8.56 14.51
N ALA B 185 -12.54 8.99 13.26
CA ALA B 185 -13.20 8.35 12.14
C ALA B 185 -12.47 7.11 11.69
N LEU B 186 -13.23 6.07 11.35
CA LEU B 186 -12.70 4.82 10.79
C LEU B 186 -13.02 4.79 9.27
N ASN B 187 -12.18 5.48 8.51
CA ASN B 187 -12.28 5.60 7.04
C ASN B 187 -12.56 4.35 6.18
N LEU B 188 -12.08 3.21 6.64
CA LEU B 188 -12.32 1.90 5.99
C LEU B 188 -13.74 1.41 6.16
N ILE B 189 -14.40 1.84 7.22
CA ILE B 189 -15.79 1.41 7.48
C ILE B 189 -16.70 2.21 6.56
N THR B 190 -17.53 1.45 5.85
CA THR B 190 -18.33 1.95 4.75
C THR B 190 -19.80 1.50 4.84
N ASN B 191 -20.68 2.49 4.71
CA ASN B 191 -22.07 2.32 4.33
C ASN B 191 -22.25 1.37 3.15
N ASN B 192 -22.81 0.17 3.37
CA ASN B 192 -22.99 -0.79 2.28
C ASN B 192 -24.18 -0.48 1.34
N SER B 193 -24.15 0.71 0.75
CA SER B 193 -25.20 1.22 -0.16
C SER B 193 -25.18 0.50 -1.51
N ARG B 194 -24.08 -0.18 -1.81
CA ARG B 194 -23.97 -1.05 -2.98
C ARG B 194 -24.48 -2.48 -2.79
N SER B 195 -25.00 -2.78 -1.60
CA SER B 195 -25.43 -4.14 -1.23
C SER B 195 -24.39 -5.24 -1.60
N ILE B 196 -23.14 -4.97 -1.29
CA ILE B 196 -22.02 -5.90 -1.53
C ILE B 196 -22.01 -6.97 -0.44
N PRO B 197 -21.68 -8.24 -0.78
CA PRO B 197 -21.72 -9.31 0.25
C PRO B 197 -20.41 -9.51 0.95
N CYS B 198 -20.46 -9.97 2.20
CA CYS B 198 -19.26 -10.26 2.97
C CYS B 198 -18.40 -11.35 2.32
N ILE B 199 -17.09 -11.14 2.34
CA ILE B 199 -16.13 -12.09 1.81
C ILE B 199 -16.08 -13.42 2.58
N ALA B 200 -16.37 -13.38 3.88
CA ALA B 200 -16.26 -14.53 4.78
C ALA B 200 -17.58 -15.29 4.93
N CYS B 201 -18.66 -14.59 5.21
CA CYS B 201 -19.96 -15.25 5.45
C CYS B 201 -20.95 -15.06 4.30
N THR B 202 -20.58 -14.35 3.24
CA THR B 202 -21.45 -14.10 2.08
C THR B 202 -22.80 -13.44 2.39
N ASP B 203 -22.95 -12.83 3.58
CA ASP B 203 -24.16 -12.10 3.99
C ASP B 203 -23.96 -10.60 3.86
N VAL B 204 -25.01 -9.90 3.40
CA VAL B 204 -24.95 -8.46 3.13
C VAL B 204 -25.35 -7.68 4.39
N ARG B 205 -24.38 -6.98 4.96
CA ARG B 205 -24.56 -6.29 6.22
C ARG B 205 -24.24 -4.81 5.96
N ASN B 206 -24.50 -3.99 6.96
CA ASN B 206 -24.25 -2.57 6.88
C ASN B 206 -23.99 -2.01 8.29
N PRO B 207 -22.86 -1.34 8.51
CA PRO B 207 -21.87 -1.05 7.49
C PRO B 207 -20.88 -2.19 7.38
N VAL B 208 -19.99 -2.10 6.41
CA VAL B 208 -18.94 -3.07 6.19
C VAL B 208 -17.58 -2.35 6.23
N LEU B 209 -16.52 -3.12 6.49
CA LEU B 209 -15.15 -2.64 6.38
C LEU B 209 -14.64 -3.07 4.99
N VAL B 210 -14.01 -2.14 4.26
CA VAL B 210 -13.49 -2.38 2.91
C VAL B 210 -11.97 -2.26 2.95
N PHE B 211 -11.27 -3.23 2.36
CA PHE B 211 -9.82 -3.33 2.55
C PHE B 211 -9.08 -2.45 1.56
N GLN B 212 -7.80 -2.25 1.81
CA GLN B 212 -6.89 -1.59 0.85
C GLN B 212 -5.99 -2.58 0.09
N CYS B 213 -6.57 -3.74 -0.23
CA CYS B 213 -6.04 -4.61 -1.26
C CYS B 213 -6.55 -4.16 -2.63
N ASN B 214 -6.00 -4.77 -3.68
CA ASN B 214 -6.22 -4.32 -5.05
C ASN B 214 -7.70 -4.31 -5.47
N HIS B 215 -8.42 -5.34 -5.08
CA HIS B 215 -9.84 -5.45 -5.38
C HIS B 215 -10.75 -4.73 -4.38
N ARG B 216 -10.18 -4.12 -3.35
CA ARG B 216 -10.93 -3.46 -2.31
C ARG B 216 -12.03 -4.42 -1.76
N HIS B 217 -11.56 -5.54 -1.20
CA HIS B 217 -12.45 -6.57 -0.67
C HIS B 217 -13.25 -6.12 0.54
N VAL B 218 -14.51 -6.56 0.58
CA VAL B 218 -15.45 -6.17 1.60
C VAL B 218 -15.54 -7.27 2.66
N ILE B 219 -15.60 -6.86 3.93
CA ILE B 219 -15.89 -7.80 5.04
C ILE B 219 -16.83 -7.12 6.03
N CYS B 220 -17.65 -7.92 6.70
CA CYS B 220 -18.62 -7.42 7.65
C CYS B 220 -17.92 -7.23 9.00
N LEU B 221 -18.42 -6.30 9.80
CA LEU B 221 -17.90 -6.01 11.15
C LEU B 221 -17.94 -7.20 12.11
N ASP B 222 -18.89 -8.10 11.93
CA ASP B 222 -18.91 -9.35 12.69
C ASP B 222 -17.76 -10.30 12.30
N CYS B 223 -17.48 -10.41 11.03
CA CYS B 223 -16.39 -11.30 10.56
C CYS B 223 -15.07 -10.70 10.83
N PHE B 224 -14.99 -9.38 10.70
CA PHE B 224 -13.80 -8.67 11.04
C PHE B 224 -13.40 -9.00 12.47
N HIS B 225 -14.37 -9.08 13.38
CA HIS B 225 -14.09 -9.29 14.79
C HIS B 225 -13.54 -10.69 15.05
N LEU B 226 -14.28 -11.69 14.62
CA LEU B 226 -13.82 -13.07 14.51
C LEU B 226 -12.37 -13.21 13.99
N TYR B 227 -12.13 -12.57 12.86
CA TYR B 227 -10.82 -12.57 12.18
C TYR B 227 -9.72 -12.02 13.06
N CYS B 228 -9.95 -10.85 13.65
CA CYS B 228 -8.90 -10.21 14.45
C CYS B 228 -8.61 -10.99 15.73
N VAL B 229 -9.62 -11.57 16.36
CA VAL B 229 -9.45 -12.29 17.64
C VAL B 229 -8.75 -13.62 17.44
N THR B 230 -9.06 -14.25 16.30
CA THR B 230 -8.46 -15.51 15.90
C THR B 230 -6.96 -15.33 15.63
N ARG B 231 -6.59 -14.22 15.00
CA ARG B 231 -5.18 -13.97 14.64
C ARG B 231 -4.34 -13.63 15.84
N LEU B 232 -4.91 -12.84 16.76
CA LEU B 232 -4.31 -12.62 18.11
C LEU B 232 -3.95 -13.90 18.84
N ASN B 233 -4.91 -14.84 18.92
CA ASN B 233 -4.73 -16.12 19.62
C ASN B 233 -3.64 -16.95 18.93
N ASP B 234 -3.66 -16.91 17.58
CA ASP B 234 -2.69 -17.61 16.72
C ASP B 234 -1.34 -16.89 16.58
N ARG B 235 -1.35 -15.60 16.86
CA ARG B 235 -0.18 -14.75 16.74
C ARG B 235 0.27 -14.65 15.30
N GLN B 236 -0.71 -14.46 14.43
CA GLN B 236 -0.50 -14.31 12.99
C GLN B 236 -0.65 -12.86 12.53
N PHE B 237 -0.76 -11.91 13.47
CA PHE B 237 -0.64 -10.48 13.15
C PHE B 237 0.72 -10.19 12.56
N VAL B 238 0.74 -9.26 11.62
CA VAL B 238 1.92 -8.86 10.89
C VAL B 238 2.48 -7.56 11.43
N HIS B 239 3.81 -7.49 11.50
CA HIS B 239 4.45 -6.30 12.00
C HIS B 239 5.08 -5.49 10.89
N ASP B 240 4.54 -4.30 10.65
CA ASP B 240 5.09 -3.44 9.64
C ASP B 240 6.38 -3.00 10.26
N ALA B 241 7.39 -2.69 9.47
CA ALA B 241 8.67 -2.37 10.06
C ALA B 241 8.62 -1.20 11.01
N GLN B 242 7.97 -0.11 10.65
CA GLN B 242 7.90 1.01 11.58
C GLN B 242 6.48 1.36 12.01
N LEU B 243 5.51 0.94 11.21
CA LEU B 243 4.12 1.21 11.51
C LEU B 243 3.59 0.54 12.77
N GLY B 244 3.88 -0.74 12.95
CA GLY B 244 3.37 -1.46 14.10
C GLY B 244 2.88 -2.83 13.69
N TYR B 245 1.86 -3.33 14.39
CA TYR B 245 1.26 -4.62 14.07
C TYR B 245 -0.09 -4.36 13.39
N SER B 246 -0.47 -5.22 12.46
CA SER B 246 -1.67 -5.02 11.65
C SER B 246 -2.09 -6.33 10.97
N LEU B 247 -3.11 -6.25 10.12
CA LEU B 247 -3.63 -7.41 9.46
C LEU B 247 -3.92 -7.06 8.02
N PRO B 248 -3.57 -7.97 7.08
CA PRO B 248 -3.86 -7.66 5.71
C PRO B 248 -5.31 -8.09 5.41
N CYS B 249 -5.73 -7.88 4.16
CA CYS B 249 -6.97 -8.48 3.68
C CYS B 249 -7.07 -9.94 4.14
N VAL B 250 -8.27 -10.33 4.54
CA VAL B 250 -8.54 -11.71 4.96
C VAL B 250 -8.20 -12.74 3.88
N ALA B 251 -8.25 -12.34 2.60
CA ALA B 251 -7.84 -13.18 1.46
C ALA B 251 -6.32 -13.28 1.25
N GLY B 252 -5.53 -12.76 2.19
CA GLY B 252 -4.09 -12.79 2.06
C GLY B 252 -3.51 -11.89 1.00
N CYS B 253 -4.30 -10.93 0.49
CA CYS B 253 -3.83 -10.00 -0.56
C CYS B 253 -2.61 -9.27 -0.07
N PRO B 254 -1.57 -9.17 -0.93
CA PRO B 254 -0.37 -8.45 -0.53
C PRO B 254 -0.61 -6.94 -0.61
N ASN B 255 0.15 -6.17 0.16
CA ASN B 255 0.05 -4.70 0.25
C ASN B 255 -1.37 -4.25 0.64
N SER B 256 -1.88 -4.82 1.72
CA SER B 256 -3.21 -4.50 2.22
C SER B 256 -3.32 -4.59 3.74
N LEU B 257 -2.24 -4.22 4.44
CA LEU B 257 -2.27 -4.11 5.89
C LEU B 257 -3.05 -2.86 6.21
N ILE B 258 -3.75 -2.87 7.34
CA ILE B 258 -4.53 -1.71 7.78
C ILE B 258 -3.59 -0.70 8.42
N LYS B 259 -3.42 0.45 7.78
CA LYS B 259 -2.49 1.47 8.21
C LYS B 259 -3.05 2.30 9.37
N GLU B 260 -4.31 2.70 9.26
CA GLU B 260 -4.96 3.48 10.30
C GLU B 260 -5.32 2.53 11.43
N LEU B 261 -4.40 2.40 12.40
CA LEU B 261 -4.48 1.36 13.43
C LEU B 261 -5.64 1.50 14.41
N HIS B 262 -6.25 2.69 14.50
N HIS B 262 -6.25 2.69 14.50
CA HIS B 262 -7.41 2.89 15.36
CA HIS B 262 -7.42 2.89 15.35
C HIS B 262 -8.58 1.99 15.00
C HIS B 262 -8.59 2.01 14.99
N HIS B 263 -8.52 1.34 13.84
CA HIS B 263 -9.56 0.40 13.43
C HIS B 263 -9.77 -0.80 14.32
N PHE B 264 -8.70 -1.28 14.94
CA PHE B 264 -8.81 -2.41 15.84
C PHE B 264 -9.47 -2.00 17.17
N ARG B 265 -9.73 -0.70 17.36
CA ARG B 265 -10.56 -0.25 18.47
C ARG B 265 -11.95 -0.87 18.39
N ILE B 266 -12.46 -1.12 17.18
CA ILE B 266 -13.80 -1.71 17.02
C ILE B 266 -13.94 -3.09 17.63
N LEU B 267 -12.84 -3.75 17.98
CA LEU B 267 -12.90 -5.03 18.69
C LEU B 267 -13.42 -4.91 20.10
N GLY B 268 -13.49 -3.68 20.62
CA GLY B 268 -13.83 -3.44 22.00
C GLY B 268 -12.56 -3.41 22.82
N GLU B 269 -12.71 -2.99 24.07
CA GLU B 269 -11.58 -2.78 24.98
C GLU B 269 -10.80 -4.02 25.30
N GLU B 270 -11.46 -5.15 25.59
CA GLU B 270 -10.76 -6.41 25.94
C GLU B 270 -9.80 -6.75 24.81
N GLN B 271 -10.35 -6.82 23.60
CA GLN B 271 -9.59 -7.26 22.44
C GLN B 271 -8.65 -6.19 21.90
N TYR B 272 -9.09 -4.92 21.88
CA TYR B 272 -8.14 -3.87 21.58
C TYR B 272 -6.94 -3.94 22.57
N ASN B 273 -7.23 -3.93 23.87
CA ASN B 273 -6.17 -3.99 24.91
C ASN B 273 -5.16 -5.10 24.67
N ARG B 274 -5.68 -6.28 24.34
CA ARG B 274 -4.87 -7.45 23.94
C ARG B 274 -3.96 -7.11 22.77
N TYR B 275 -4.55 -6.53 21.74
CA TYR B 275 -3.84 -6.11 20.53
C TYR B 275 -2.71 -5.14 20.80
N GLN B 276 -2.91 -4.21 21.74
CA GLN B 276 -1.85 -3.29 22.19
C GLN B 276 -0.69 -4.01 22.89
N GLN B 277 -1.01 -5.12 23.53
CA GLN B 277 0.01 -5.89 24.24
C GLN B 277 0.89 -6.75 23.33
N TYR B 278 0.68 -6.64 22.03
CA TYR B 278 1.25 -7.57 21.09
C TYR B 278 2.72 -7.27 20.86
N GLY B 279 3.05 -5.98 20.74
CA GLY B 279 4.44 -5.55 20.73
C GLY B 279 5.16 -6.20 21.90
N ALA B 280 4.74 -5.84 23.12
CA ALA B 280 5.28 -6.41 24.35
C ALA B 280 5.53 -7.92 24.23
N GLU B 281 4.47 -8.64 23.87
CA GLU B 281 4.53 -10.09 23.82
C GLU B 281 5.49 -10.61 22.72
N GLU B 282 5.35 -10.11 21.49
CA GLU B 282 6.26 -10.46 20.40
C GLU B 282 7.72 -10.12 20.72
N CYS B 283 7.96 -8.94 21.29
CA CYS B 283 9.30 -8.51 21.66
CA CYS B 283 9.32 -8.51 21.64
C CYS B 283 9.95 -9.46 22.66
N VAL B 284 9.17 -9.95 23.62
CA VAL B 284 9.62 -10.95 24.59
C VAL B 284 9.92 -12.30 23.89
N LEU B 285 9.07 -12.67 22.94
CA LEU B 285 9.20 -13.94 22.21
C LEU B 285 10.35 -13.91 21.18
N GLN B 286 10.48 -12.79 20.46
CA GLN B 286 11.66 -12.52 19.59
C GLN B 286 13.01 -12.67 20.31
N MET B 287 13.01 -12.47 21.63
CA MET B 287 14.18 -12.71 22.48
C MET B 287 14.04 -14.01 23.28
N GLY B 288 13.42 -15.03 22.70
CA GLY B 288 13.33 -16.38 23.29
C GLY B 288 12.62 -16.51 24.62
N GLY B 289 11.63 -15.65 24.88
CA GLY B 289 10.86 -15.68 26.14
C GLY B 289 9.67 -16.63 26.12
N VAL B 290 8.83 -16.53 27.16
CA VAL B 290 7.59 -17.32 27.26
C VAL B 290 6.51 -16.58 28.07
N LEU B 291 5.25 -16.78 27.69
CA LEU B 291 4.12 -16.09 28.33
C LEU B 291 3.47 -16.92 29.43
N CYS B 292 2.91 -16.22 30.42
CA CYS B 292 2.37 -16.82 31.64
C CYS B 292 1.06 -17.56 31.39
N PRO B 293 0.92 -18.79 31.93
CA PRO B 293 -0.29 -19.61 31.67
C PRO B 293 -1.59 -19.26 32.41
N ARG B 294 -1.53 -18.37 33.40
CA ARG B 294 -2.72 -18.00 34.16
C ARG B 294 -3.71 -17.23 33.28
N PRO B 295 -5.03 -17.43 33.50
CA PRO B 295 -6.03 -16.70 32.71
C PRO B 295 -6.09 -15.21 33.02
N GLY B 296 -5.84 -14.85 34.28
CA GLY B 296 -5.94 -13.46 34.76
C GLY B 296 -4.98 -12.48 34.11
N CYS B 297 -3.71 -12.86 34.00
CA CYS B 297 -2.71 -12.04 33.28
C CYS B 297 -1.70 -12.89 32.51
N GLY B 298 -1.57 -12.61 31.21
CA GLY B 298 -0.63 -13.31 30.33
C GLY B 298 0.64 -12.51 30.15
N ALA B 299 1.38 -12.34 31.23
CA ALA B 299 2.60 -11.53 31.24
C ALA B 299 3.75 -12.24 30.54
N GLY B 300 4.60 -11.44 29.88
CA GLY B 300 5.79 -11.94 29.20
C GLY B 300 6.92 -12.15 30.17
N LEU B 301 7.67 -13.25 30.01
CA LEU B 301 8.75 -13.63 30.92
C LEU B 301 9.97 -14.12 30.16
N LEU B 302 11.15 -13.70 30.61
CA LEU B 302 12.43 -14.16 30.06
C LEU B 302 13.28 -14.78 31.19
N PRO B 303 13.04 -16.06 31.53
CA PRO B 303 13.85 -16.73 32.55
C PRO B 303 15.26 -17.07 32.08
N GLU B 304 16.15 -17.41 33.01
CA GLU B 304 17.59 -17.51 32.75
C GLU B 304 18.06 -18.89 32.26
N GLN B 305 18.73 -18.92 31.11
CA GLN B 305 19.50 -20.07 30.63
C GLN B 305 18.70 -21.34 30.29
N GLY B 306 17.50 -21.16 29.72
CA GLY B 306 16.68 -22.28 29.24
C GLY B 306 16.23 -23.29 30.29
N GLN B 307 15.87 -22.79 31.47
CA GLN B 307 15.43 -23.64 32.58
C GLN B 307 13.98 -24.08 32.37
N ARG B 308 13.68 -25.34 32.70
CA ARG B 308 12.32 -25.88 32.59
C ARG B 308 11.41 -25.31 33.67
N LYS B 309 11.91 -25.20 34.90
CA LYS B 309 11.20 -24.55 36.00
C LYS B 309 11.21 -23.03 35.76
N VAL B 310 10.02 -22.42 35.75
CA VAL B 310 9.86 -20.98 35.51
C VAL B 310 8.83 -20.37 36.46
N THR B 311 9.15 -19.18 36.95
CA THR B 311 8.27 -18.42 37.85
C THR B 311 7.81 -17.14 37.15
N CYS B 312 6.64 -16.63 37.55
CA CYS B 312 6.12 -15.38 37.02
C CYS B 312 6.32 -14.25 38.03
N GLU B 313 7.48 -13.59 37.93
CA GLU B 313 7.85 -12.45 38.79
C GLU B 313 8.96 -11.62 38.14
N GLY B 314 9.40 -10.58 38.85
CA GLY B 314 10.54 -9.74 38.43
C GLY B 314 10.12 -8.36 37.96
N LEU B 318 5.65 -6.63 39.57
CA LEU B 318 6.36 -7.87 39.82
C LEU B 318 5.84 -9.02 38.94
N GLY B 319 4.61 -9.47 39.22
CA GLY B 319 4.00 -10.61 38.54
C GLY B 319 2.97 -11.31 39.41
N CYS B 320 2.20 -12.22 38.81
CA CYS B 320 1.12 -12.93 39.51
C CYS B 320 1.61 -13.91 40.59
N GLY B 321 2.85 -14.38 40.48
CA GLY B 321 3.43 -15.28 41.48
C GLY B 321 3.00 -16.71 41.22
N PHE B 322 3.30 -17.18 40.01
CA PHE B 322 2.82 -18.44 39.49
C PHE B 322 4.02 -19.27 39.02
N VAL B 323 4.12 -20.51 39.49
CA VAL B 323 5.14 -21.45 39.03
C VAL B 323 4.62 -22.18 37.81
N PHE B 324 5.49 -22.50 36.86
CA PHE B 324 5.06 -23.12 35.59
C PHE B 324 6.12 -23.95 34.86
N CYS B 325 5.65 -25.02 34.21
CA CYS B 325 6.45 -25.82 33.28
C CYS B 325 6.43 -25.11 31.93
N ARG B 326 7.59 -25.03 31.27
CA ARG B 326 7.70 -24.30 30.00
C ARG B 326 7.19 -25.09 28.78
N ASP B 327 7.23 -26.43 28.84
CA ASP B 327 6.87 -27.27 27.70
C ASP B 327 5.35 -27.35 27.48
N CYS B 328 4.62 -27.67 28.54
CA CYS B 328 3.16 -27.84 28.50
C CYS B 328 2.33 -26.66 29.02
N LYS B 329 3.01 -25.67 29.64
CA LYS B 329 2.36 -24.49 30.24
C LYS B 329 1.42 -24.82 31.42
N GLU B 330 1.74 -25.90 32.15
CA GLU B 330 1.05 -26.29 33.39
C GLU B 330 1.93 -25.81 34.55
N ALA B 331 1.63 -26.22 35.78
CA ALA B 331 2.57 -26.05 36.91
C ALA B 331 3.89 -26.79 36.68
N TYR B 332 4.87 -26.55 37.55
CA TYR B 332 6.24 -27.07 37.36
C TYR B 332 6.36 -28.58 37.57
N HIS B 333 7.06 -29.25 36.65
CA HIS B 333 7.38 -30.68 36.77
C HIS B 333 8.49 -31.09 35.80
N CYS B 337 8.90 -34.33 31.16
CA CYS B 337 7.52 -33.99 30.86
C CYS B 337 6.72 -35.23 30.45
N ASP B 338 6.14 -35.89 31.45
CA ASP B 338 5.46 -37.18 31.25
C ASP B 338 4.06 -37.07 30.62
N SER B 339 3.35 -35.96 30.86
CA SER B 339 1.95 -35.80 30.42
C SER B 339 1.83 -35.54 28.92
N MET B 340 1.11 -36.43 28.22
CA MET B 340 0.84 -36.29 26.79
C MET B 340 -0.60 -35.81 26.62
N PHE B 341 -0.79 -34.86 25.70
CA PHE B 341 -2.05 -34.13 25.58
C PHE B 341 -3.05 -34.95 24.75
N ARG B 352 -9.39 -21.63 3.02
CA ARG B 352 -9.20 -20.45 3.87
C ARG B 352 -10.21 -19.36 3.55
N VAL B 353 -10.33 -18.99 2.27
CA VAL B 353 -11.37 -18.07 1.79
C VAL B 353 -11.77 -18.39 0.33
N ASP B 354 -13.07 -18.56 0.10
CA ASP B 354 -13.63 -18.92 -1.21
C ASP B 354 -13.38 -17.88 -2.35
N GLN B 355 -13.26 -18.39 -3.57
CA GLN B 355 -13.03 -17.59 -4.77
C GLN B 355 -14.24 -16.78 -5.21
N ARG B 356 -15.41 -17.43 -5.26
CA ARG B 356 -16.67 -16.81 -5.70
C ARG B 356 -17.10 -15.70 -4.75
N ALA B 357 -17.08 -15.99 -3.45
CA ALA B 357 -17.34 -14.97 -2.43
C ALA B 357 -16.41 -13.77 -2.57
N ALA B 358 -15.17 -14.05 -2.94
CA ALA B 358 -14.14 -13.04 -3.12
C ALA B 358 -14.27 -12.26 -4.44
N GLU B 359 -14.89 -12.88 -5.44
CA GLU B 359 -15.21 -12.22 -6.71
C GLU B 359 -16.34 -11.20 -6.56
N GLN B 360 -17.27 -11.50 -5.64
CA GLN B 360 -18.45 -10.70 -5.43
C GLN B 360 -18.27 -9.67 -4.31
N ALA B 361 -17.48 -10.01 -3.28
CA ALA B 361 -17.22 -9.11 -2.14
C ALA B 361 -16.13 -8.10 -2.45
N ARG B 362 -16.46 -7.09 -3.24
CA ARG B 362 -15.52 -6.05 -3.67
C ARG B 362 -16.20 -4.71 -3.81
N TRP B 363 -15.51 -3.65 -3.41
CA TRP B 363 -15.89 -2.28 -3.71
C TRP B 363 -15.26 -1.83 -5.03
N GLU B 364 -16.05 -1.73 -6.10
CA GLU B 364 -15.51 -1.50 -7.45
C GLU B 364 -15.60 -0.05 -7.88
N GLU B 365 -14.91 0.27 -8.96
CA GLU B 365 -14.94 1.61 -9.54
C GLU B 365 -16.36 1.90 -10.04
N ALA B 366 -16.74 3.19 -10.04
CA ALA B 366 -18.10 3.64 -10.40
C ALA B 366 -18.67 3.10 -11.72
N SER B 367 -17.81 2.70 -12.65
CA SER B 367 -18.24 2.07 -13.90
C SER B 367 -18.93 0.71 -13.69
N LYS B 368 -18.41 -0.09 -12.76
CA LYS B 368 -18.93 -1.42 -12.46
C LYS B 368 -20.02 -1.45 -11.37
N GLU B 369 -20.33 -0.29 -10.80
CA GLU B 369 -21.39 -0.15 -9.78
C GLU B 369 -22.56 0.63 -10.37
N THR B 370 -23.78 0.15 -10.12
CA THR B 370 -24.98 0.86 -10.56
C THR B 370 -26.24 0.52 -9.74
N ILE B 371 -26.08 0.51 -8.41
CA ILE B 371 -27.23 0.53 -7.49
C ILE B 371 -27.68 1.98 -7.42
N LYS B 372 -26.74 2.87 -7.10
CA LYS B 372 -27.00 4.32 -7.03
C LYS B 372 -26.94 4.96 -8.43
N LYS B 373 -27.80 5.95 -8.65
CA LYS B 373 -28.00 6.60 -9.95
C LYS B 373 -26.90 7.66 -10.19
N THR B 374 -26.65 7.97 -11.46
CA THR B 374 -25.54 8.87 -11.85
C THR B 374 -25.99 10.28 -12.24
N THR B 375 -27.22 10.41 -12.71
CA THR B 375 -27.84 11.71 -13.02
C THR B 375 -29.16 11.82 -12.25
N LYS B 376 -29.46 13.02 -11.74
CA LYS B 376 -30.74 13.27 -11.08
C LYS B 376 -31.32 14.65 -11.43
N PRO B 377 -32.66 14.75 -11.50
CA PRO B 377 -33.29 16.04 -11.78
C PRO B 377 -33.23 16.92 -10.54
N CYS B 378 -32.94 18.20 -10.74
CA CYS B 378 -32.99 19.15 -9.66
C CYS B 378 -34.36 19.08 -9.00
N PRO B 379 -34.42 18.93 -7.66
CA PRO B 379 -35.70 18.96 -6.94
C PRO B 379 -36.65 20.13 -7.21
N ARG B 380 -36.12 21.31 -7.56
CA ARG B 380 -36.97 22.50 -7.80
C ARG B 380 -37.29 22.65 -9.28
N CYS B 381 -36.29 22.68 -10.15
CA CYS B 381 -36.50 22.95 -11.58
C CYS B 381 -36.38 21.76 -12.53
N ASN B 382 -35.95 20.61 -12.01
CA ASN B 382 -35.87 19.33 -12.74
C ASN B 382 -34.89 19.19 -13.89
N VAL B 383 -33.97 20.12 -14.05
CA VAL B 383 -32.97 19.97 -15.11
C VAL B 383 -31.97 18.89 -14.66
N PRO B 384 -31.61 17.93 -15.54
CA PRO B 384 -30.73 16.86 -15.13
C PRO B 384 -29.34 17.33 -14.70
N ILE B 385 -28.79 16.70 -13.67
CA ILE B 385 -27.47 17.04 -13.16
C ILE B 385 -26.76 15.73 -12.86
N GLU B 386 -25.55 15.58 -13.40
CA GLU B 386 -24.68 14.45 -13.09
C GLU B 386 -23.82 14.80 -11.89
N LYS B 387 -23.54 13.81 -11.06
CA LYS B 387 -22.73 14.01 -9.87
C LYS B 387 -21.26 13.89 -10.27
N ASN B 388 -20.45 14.75 -9.68
CA ASN B 388 -19.03 14.87 -10.00
C ASN B 388 -18.17 14.49 -8.79
N GLY B 389 -17.86 13.21 -8.67
CA GLY B 389 -17.10 12.70 -7.51
C GLY B 389 -17.99 12.68 -6.28
N GLY B 390 -17.43 12.26 -5.14
CA GLY B 390 -18.27 11.82 -4.01
C GLY B 390 -19.05 12.81 -3.16
N CYS B 391 -19.06 14.10 -3.51
CA CYS B 391 -19.70 15.12 -2.68
C CYS B 391 -21.20 15.22 -2.91
N MET B 392 -21.98 15.18 -1.81
CA MET B 392 -23.44 15.17 -1.87
C MET B 392 -24.06 16.57 -1.96
N HIS B 393 -23.28 17.61 -1.70
CA HIS B 393 -23.76 18.99 -1.73
C HIS B 393 -23.88 19.52 -3.16
N MET B 394 -25.08 19.40 -3.73
CA MET B 394 -25.36 19.88 -5.09
C MET B 394 -25.73 21.35 -5.06
N LYS B 395 -25.23 22.11 -6.04
CA LYS B 395 -25.70 23.45 -6.38
C LYS B 395 -26.28 23.34 -7.79
N CYS B 396 -27.12 24.30 -8.18
CA CYS B 396 -27.86 24.18 -9.44
C CYS B 396 -27.37 25.24 -10.40
N PRO B 397 -26.82 24.83 -11.56
CA PRO B 397 -26.26 25.82 -12.50
C PRO B 397 -27.31 26.81 -13.02
N GLN B 398 -28.55 26.36 -13.15
CA GLN B 398 -29.58 27.19 -13.76
C GLN B 398 -29.81 28.49 -12.96
N PRO B 399 -29.59 29.67 -13.60
CA PRO B 399 -29.67 30.94 -12.86
C PRO B 399 -31.04 31.29 -12.26
N GLN B 400 -32.11 30.78 -12.87
CA GLN B 400 -33.47 31.05 -12.41
C GLN B 400 -33.87 30.33 -11.10
N CYS B 401 -33.08 29.34 -10.65
CA CYS B 401 -33.41 28.59 -9.41
C CYS B 401 -32.22 28.51 -8.44
N LYS B 402 -31.15 27.82 -8.81
CA LYS B 402 -29.92 27.73 -7.99
C LYS B 402 -30.04 26.93 -6.68
N LEU B 403 -30.97 25.99 -6.61
CA LEU B 403 -31.16 25.18 -5.39
C LEU B 403 -29.83 24.54 -4.99
N GLU B 404 -29.56 24.57 -3.69
CA GLU B 404 -28.45 23.82 -3.12
C GLU B 404 -29.12 22.66 -2.44
N TRP B 405 -28.88 21.46 -2.93
CA TRP B 405 -29.59 20.28 -2.46
C TRP B 405 -28.69 19.09 -2.16
N CYS B 406 -29.27 18.10 -1.49
CA CYS B 406 -28.51 16.91 -1.09
C CYS B 406 -28.77 15.92 -2.18
N TRP B 407 -27.71 15.35 -2.73
CA TRP B 407 -27.84 14.33 -3.77
C TRP B 407 -28.61 13.12 -3.21
N ASN B 408 -28.21 12.68 -2.02
CA ASN B 408 -28.79 11.49 -1.37
C ASN B 408 -30.27 11.62 -1.03
N CYS B 409 -30.63 12.74 -0.42
CA CYS B 409 -31.96 12.86 0.19
C CYS B 409 -32.96 13.56 -0.68
N GLY B 410 -32.50 14.37 -1.63
CA GLY B 410 -33.39 15.04 -2.60
C GLY B 410 -34.00 16.31 -2.05
N CYS B 411 -33.49 16.71 -0.90
CA CYS B 411 -33.99 17.84 -0.15
C CYS B 411 -32.94 18.92 -0.26
N GLU B 412 -33.34 20.11 0.16
CA GLU B 412 -32.47 21.25 0.35
C GLU B 412 -31.26 20.87 1.21
N TRP B 413 -30.11 21.47 0.89
CA TRP B 413 -28.86 21.20 1.60
C TRP B 413 -28.96 21.74 3.02
N ASN B 414 -28.29 21.08 3.97
CA ASN B 414 -28.39 21.40 5.39
C ASN B 414 -27.29 20.73 6.23
N ARG B 415 -27.30 20.99 7.53
CA ARG B 415 -26.27 20.53 8.45
C ARG B 415 -26.40 19.03 8.76
N ALA B 416 -27.62 18.50 8.78
CA ALA B 416 -27.84 17.06 8.98
C ALA B 416 -27.22 16.23 7.88
N CYS B 417 -27.41 16.65 6.62
CA CYS B 417 -26.82 15.97 5.47
C CYS B 417 -25.31 16.15 5.48
N MET B 418 -24.88 17.41 5.60
CA MET B 418 -23.45 17.72 5.86
C MET B 418 -22.82 16.72 6.82
N GLY B 419 -23.37 16.67 8.02
CA GLY B 419 -22.83 15.81 9.05
C GLY B 419 -22.94 14.32 8.83
N ASP B 420 -24.12 13.88 8.42
CA ASP B 420 -24.35 12.48 8.17
C ASP B 420 -23.64 11.96 6.93
N HIS B 421 -23.66 12.78 5.90
CA HIS B 421 -23.04 12.43 4.64
C HIS B 421 -22.64 13.63 3.78
N TRP B 422 -21.60 14.36 4.15
CA TRP B 422 -21.18 15.49 3.35
C TRP B 422 -20.77 14.93 2.01
N PHE B 423 -20.11 13.79 2.08
CA PHE B 423 -19.65 13.07 0.92
C PHE B 423 -20.06 11.62 1.13
N ASP B 424 -19.92 10.82 0.09
CA ASP B 424 -20.34 9.43 0.09
C ASP B 424 -19.30 8.66 -0.72
N VAL B 425 -19.17 7.37 -0.46
CA VAL B 425 -18.14 6.52 -1.10
C VAL B 425 -18.85 5.37 -1.77
ZN ZN C . 9.68 3.18 -29.24
ZN ZN D . -16.18 -5.61 -28.27
ZN ZN E . 19.36 11.80 -8.98
ZN ZN F . 11.75 5.49 0.79
ZN ZN G . 36.00 -16.96 -16.79
ZN ZN H . 44.88 -15.39 -4.22
ZN ZN I . -18.95 25.28 -18.86
ZN ZN J . -4.52 17.64 -22.27
S SO4 K . 13.50 -11.86 -20.77
O1 SO4 K . 13.36 -11.75 -19.30
O2 SO4 K . 14.29 -10.71 -21.28
O3 SO4 K . 12.16 -11.90 -21.39
O4 SO4 K . 14.21 -13.11 -21.18
S SO4 L . -7.06 6.88 -30.56
O1 SO4 L . -6.27 8.04 -31.05
O2 SO4 L . -7.11 6.90 -29.09
O3 SO4 L . -8.45 6.96 -31.10
O4 SO4 L . -6.42 5.63 -31.03
S SO4 M . 22.30 15.35 -17.48
O1 SO4 M . 23.68 14.90 -17.20
O2 SO4 M . 22.30 16.82 -17.74
O3 SO4 M . 21.44 15.06 -16.32
O4 SO4 M . 21.79 14.65 -18.68
S SO4 N . -2.20 5.48 -32.45
O1 SO4 N . -2.51 6.75 -33.16
O2 SO4 N . -0.92 5.63 -31.73
O3 SO4 N . -3.27 5.16 -31.49
O4 SO4 N . -2.08 4.38 -33.44
ZN ZN O . -21.02 7.76 21.62
ZN ZN P . -10.81 31.60 12.19
ZN ZN Q . -19.30 -11.73 7.37
ZN ZN R . -8.25 -8.40 -0.62
ZN ZN S . 1.63 -14.78 35.31
ZN ZN T . 5.43 -30.38 30.15
ZN ZN U . -32.54 23.62 -10.28
ZN ZN V . -29.19 14.18 2.80
S SO4 W . -3.91 3.45 23.66
O1 SO4 W . -4.09 4.81 23.08
O2 SO4 W . -3.13 3.57 24.91
O3 SO4 W . -5.23 2.85 23.97
O4 SO4 W . -3.17 2.56 22.71
S SO4 X . -23.85 19.14 16.08
O1 SO4 X . -24.11 20.28 15.18
O2 SO4 X . -22.60 18.49 15.67
O3 SO4 X . -23.71 19.63 17.47
O4 SO4 X . -24.96 18.17 16.00
#